data_4MQP
#
_entry.id   4MQP
#
_cell.length_a   63.021
_cell.length_b   65.915
_cell.length_c   201.964
_cell.angle_alpha   90.00
_cell.angle_beta   90.00
_cell.angle_gamma   90.00
#
_symmetry.space_group_name_H-M   'P 21 21 21'
#
loop_
_entity.id
_entity.type
_entity.pdbx_description
1 polymer 'Adenosylmethionine-8-amino-7-oxononanoate aminotransferase'
2 non-polymer '(4-{[(E)-1,3-benzothiazol-2-yldiazenyl]methyl}-5-hydroxy-6-methylpyridin-3-yl)methyl dihydrogen phosphate'
3 non-polymer 1,2-ETHANEDIOL
4 non-polymer DI(HYDROXYETHYL)ETHER
5 water water
#
_entity_poly.entity_id   1
_entity_poly.type   'polypeptide(L)'
_entity_poly.pdbx_seq_one_letter_code
;MGSSHHHHHHSSGLVPRGSHMAAATGGLTPEQIIAVDGAHLWHPYSSIGREAVSPVVAVAAHGAWLTLIRDGQPIEVLDA
MSSWWTAIHGHGHPALDQALTTQLRVMNHVMFGGLTHEPAARLAKLLVDITPAGLDTVFFSDSGSVSVEVAAKMALQYWR
GRGLPGKRRLMTWRGGYHGDTFLAMSICDPHGGMHSLWTDVLAAQVFAPQVPRDYDPAYSAAFEAQLAQHAGELAAVVVE
PVVQGAGGMRFHDPRYLHDLRDICRRYEVLLIFDEIATGFGRTGALFAADHAGVSPDIMCVGKALTGGYLSLAATLCTAD
VAHTISAGAAGALMHGPTFMANPLACAVSVASVELLLGQDWRTRITELAAGLTAGLDTARALPAVTDVRVCGAIGVIECD
RPVDLAVATPAALDRGVWLRPFRNLVYAMPPYICTPAEITQITSAMVEVARLVGSLP
;
_entity_poly.pdbx_strand_id   A,B
#
# COMPACT_ATOMS: atom_id res chain seq x y z
N LEU A 28 1.12 -2.32 27.66
CA LEU A 28 2.48 -2.94 27.72
C LEU A 28 3.58 -1.96 28.15
N THR A 29 4.44 -2.44 29.04
CA THR A 29 5.67 -1.73 29.45
C THR A 29 6.69 -1.81 28.33
N PRO A 30 7.71 -0.93 28.35
CA PRO A 30 8.73 -0.99 27.29
C PRO A 30 9.48 -2.33 27.26
N GLU A 31 9.71 -2.95 28.41
CA GLU A 31 10.30 -4.30 28.43
C GLU A 31 9.41 -5.33 27.74
N GLN A 32 8.10 -5.24 27.95
CA GLN A 32 7.15 -6.17 27.34
C GLN A 32 7.06 -5.95 25.84
N ILE A 33 7.14 -4.68 25.43
CA ILE A 33 7.16 -4.35 24.00
C ILE A 33 8.37 -5.03 23.36
N ILE A 34 9.54 -4.89 23.97
CA ILE A 34 10.77 -5.51 23.44
C ILE A 34 10.62 -7.02 23.28
N ALA A 35 10.05 -7.65 24.31
CA ALA A 35 9.84 -9.10 24.32
C ALA A 35 8.93 -9.54 23.17
N VAL A 36 7.78 -8.86 23.04
CA VAL A 36 6.81 -9.19 21.98
C VAL A 36 7.47 -8.94 20.63
N ASP A 37 8.14 -7.80 20.51
CA ASP A 37 8.78 -7.39 19.29
C ASP A 37 9.81 -8.43 18.84
N GLY A 38 10.67 -8.83 19.77
CA GLY A 38 11.71 -9.80 19.46
C GLY A 38 11.16 -11.14 18.99
N ALA A 39 10.02 -11.55 19.55
CA ALA A 39 9.42 -12.83 19.21
C ALA A 39 8.66 -12.77 17.88
N HIS A 40 8.01 -11.64 17.61
CA HIS A 40 6.93 -11.63 16.60
C HIS A 40 6.99 -10.59 15.52
N LEU A 41 7.86 -9.59 15.64
CA LEU A 41 7.80 -8.48 14.67
C LEU A 41 8.94 -8.46 13.68
N TRP A 42 8.59 -8.40 12.39
CA TRP A 42 9.60 -8.18 11.38
CA TRP A 42 9.54 -8.17 11.30
C TRP A 42 9.82 -6.71 11.16
N HIS A 43 11.07 -6.32 11.09
CA HIS A 43 11.40 -4.91 10.81
C HIS A 43 11.87 -4.76 9.40
N PRO A 44 11.91 -3.52 8.87
CA PRO A 44 12.30 -3.35 7.47
C PRO A 44 13.69 -3.90 7.23
N TYR A 45 13.85 -4.62 6.13
N TYR A 45 13.85 -4.62 6.13
CA TYR A 45 15.16 -5.18 5.71
CA TYR A 45 15.14 -5.20 5.72
C TYR A 45 15.95 -5.80 6.87
C TYR A 45 15.93 -5.80 6.87
N SER A 46 15.28 -6.62 7.67
CA SER A 46 15.91 -7.23 8.84
C SER A 46 15.62 -8.73 8.92
N SER A 47 16.18 -9.32 9.95
CA SER A 47 16.02 -10.74 10.25
CA SER A 47 16.02 -10.74 10.25
C SER A 47 15.09 -10.88 11.43
N ILE A 48 14.68 -12.11 11.72
CA ILE A 48 13.97 -12.43 12.95
C ILE A 48 14.92 -13.30 13.77
N GLY A 49 15.13 -12.95 15.05
CA GLY A 49 15.97 -13.74 15.96
C GLY A 49 17.47 -13.56 15.81
N ARG A 50 17.89 -12.75 14.83
CA ARG A 50 19.30 -12.55 14.53
C ARG A 50 19.66 -11.06 14.52
N GLU A 51 18.79 -10.25 15.14
CA GLU A 51 18.95 -8.80 15.25
C GLU A 51 20.02 -8.28 14.29
N ALA A 52 21.20 -7.92 14.81
CA ALA A 52 21.44 -7.81 16.25
C ALA A 52 21.03 -6.40 16.66
N VAL A 53 21.23 -6.06 17.93
CA VAL A 53 20.80 -4.76 18.48
C VAL A 53 19.27 -4.66 18.40
N SER A 54 18.61 -4.80 19.55
CA SER A 54 17.15 -4.63 19.63
C SER A 54 16.73 -3.27 19.06
N PRO A 55 15.48 -3.16 18.54
CA PRO A 55 15.05 -1.80 18.23
C PRO A 55 14.81 -1.05 19.54
N VAL A 56 14.77 0.27 19.45
CA VAL A 56 14.53 1.13 20.62
C VAL A 56 13.04 1.44 20.64
N VAL A 57 12.43 1.37 21.83
CA VAL A 57 11.00 1.67 22.02
C VAL A 57 10.72 3.17 21.89
N ALA A 58 9.84 3.54 20.96
CA ALA A 58 9.34 4.93 20.85
C ALA A 58 8.01 5.02 21.56
N VAL A 59 7.87 5.97 22.48
CA VAL A 59 6.63 6.09 23.30
C VAL A 59 5.79 7.31 22.99
N ALA A 60 6.37 8.29 22.29
CA ALA A 60 5.65 9.50 21.95
C ALA A 60 6.40 10.27 20.87
N ALA A 61 5.69 11.17 20.20
CA ALA A 61 6.28 12.10 19.22
C ALA A 61 5.49 13.40 19.23
N HIS A 62 6.20 14.53 19.31
CA HIS A 62 5.56 15.83 19.35
C HIS A 62 6.46 16.83 18.72
N GLY A 63 5.95 17.56 17.74
CA GLY A 63 6.75 18.51 17.00
C GLY A 63 7.93 17.83 16.34
N ALA A 64 9.12 18.43 16.47
CA ALA A 64 10.34 17.81 15.89
C ALA A 64 10.99 16.71 16.73
N TRP A 65 10.36 16.33 17.84
CA TRP A 65 10.98 15.44 18.86
C TRP A 65 10.30 14.11 19.02
N LEU A 66 11.11 13.07 19.24
CA LEU A 66 10.60 11.75 19.56
C LEU A 66 10.92 11.47 21.02
N THR A 67 10.03 10.77 21.71
CA THR A 67 10.40 10.28 23.03
C THR A 67 10.76 8.82 22.93
N LEU A 68 12.02 8.50 23.24
CA LEU A 68 12.51 7.12 23.17
C LEU A 68 12.91 6.57 24.54
N ILE A 69 12.93 5.24 24.68
CA ILE A 69 13.36 4.57 25.90
C ILE A 69 14.83 4.14 25.75
N ARG A 70 15.71 4.79 26.50
CA ARG A 70 17.12 4.43 26.52
C ARG A 70 17.45 3.95 27.93
N ASP A 71 17.85 2.68 28.04
CA ASP A 71 18.17 2.06 29.33
C ASP A 71 17.06 2.30 30.34
N GLY A 72 15.82 2.12 29.90
CA GLY A 72 14.66 2.31 30.77
C GLY A 72 14.23 3.75 30.97
N GLN A 73 15.02 4.71 30.52
CA GLN A 73 14.67 6.13 30.71
C GLN A 73 14.08 6.74 29.46
N PRO A 74 12.89 7.38 29.59
CA PRO A 74 12.36 8.16 28.47
C PRO A 74 13.19 9.41 28.21
N ILE A 75 13.67 9.57 26.98
CA ILE A 75 14.44 10.76 26.60
C ILE A 75 13.84 11.38 25.34
N GLU A 76 13.94 12.69 25.21
CA GLU A 76 13.46 13.35 24.01
C GLU A 76 14.64 13.59 23.07
N VAL A 77 14.47 13.19 21.81
CA VAL A 77 15.54 13.34 20.80
C VAL A 77 14.95 13.88 19.49
N LEU A 78 15.77 14.63 18.74
CA LEU A 78 15.31 15.23 17.49
C LEU A 78 15.09 14.19 16.39
N ASP A 79 13.97 14.31 15.67
CA ASP A 79 13.67 13.42 14.54
C ASP A 79 14.40 13.97 13.29
N ALA A 80 15.71 13.78 13.22
CA ALA A 80 16.52 14.45 12.21
C ALA A 80 16.16 14.00 10.81
N MET A 81 15.56 12.81 10.70
CA MET A 81 15.23 12.26 9.38
C MET A 81 13.74 12.41 9.04
N SER A 82 13.01 13.18 9.85
CA SER A 82 11.54 13.39 9.66
C SER A 82 10.79 12.07 9.47
N SER A 83 11.14 11.06 10.27
CA SER A 83 10.56 9.73 10.14
C SER A 83 10.54 9.27 8.68
N TRP A 84 11.71 9.32 8.04
CA TRP A 84 11.89 9.03 6.61
C TRP A 84 11.13 9.90 5.66
N TRP A 85 11.39 11.21 5.75
CA TRP A 85 10.91 12.24 4.80
C TRP A 85 9.49 12.69 5.08
N THR A 86 8.81 12.06 6.01
CA THR A 86 7.35 12.25 6.10
C THR A 86 6.89 13.43 6.95
N ALA A 87 7.54 13.64 8.09
CA ALA A 87 7.02 14.56 9.11
C ALA A 87 7.44 16.00 8.88
N ILE A 88 7.03 16.56 7.75
CA ILE A 88 7.52 17.87 7.33
C ILE A 88 7.05 18.99 8.27
N HIS A 89 5.87 18.84 8.88
CA HIS A 89 5.35 19.84 9.83
C HIS A 89 5.58 19.42 11.26
N GLY A 90 6.43 18.40 11.46
CA GLY A 90 6.60 17.78 12.76
C GLY A 90 5.42 16.88 13.12
N HIS A 91 5.54 16.17 14.23
CA HIS A 91 4.48 15.28 14.72
C HIS A 91 3.49 16.06 15.54
N GLY A 92 2.24 15.59 15.55
CA GLY A 92 1.19 16.21 16.35
C GLY A 92 1.01 17.70 16.12
N HIS A 93 1.11 18.15 14.87
CA HIS A 93 0.82 19.55 14.55
C HIS A 93 -0.66 19.81 14.79
N PRO A 94 -1.00 20.89 15.54
CA PRO A 94 -2.42 21.15 15.85
C PRO A 94 -3.35 21.21 14.63
N ALA A 95 -2.92 21.85 13.54
CA ALA A 95 -3.77 21.99 12.36
C ALA A 95 -4.05 20.63 11.74
N LEU A 96 -3.05 19.75 11.70
CA LEU A 96 -3.22 18.43 11.09
C LEU A 96 -4.03 17.49 12.00
N ASP A 97 -3.76 17.49 13.30
CA ASP A 97 -4.54 16.71 14.27
C ASP A 97 -6.02 17.06 14.14
N GLN A 98 -6.30 18.36 14.14
CA GLN A 98 -7.68 18.87 14.04
C GLN A 98 -8.37 18.45 12.75
N ALA A 99 -7.67 18.53 11.62
CA ALA A 99 -8.26 18.14 10.34
C ALA A 99 -8.66 16.65 10.38
N LEU A 100 -7.79 15.83 10.96
CA LEU A 100 -8.06 14.41 11.06
C LEU A 100 -9.27 14.12 11.95
N THR A 101 -9.32 14.74 13.12
CA THR A 101 -10.43 14.52 14.05
C THR A 101 -11.77 15.07 13.51
N THR A 102 -11.72 16.15 12.73
CA THR A 102 -12.90 16.73 12.09
C THR A 102 -13.48 15.74 11.09
N GLN A 103 -12.63 15.11 10.29
CA GLN A 103 -13.10 14.15 9.32
C GLN A 103 -13.58 12.87 10.00
N LEU A 104 -12.91 12.48 11.08
CA LEU A 104 -13.30 11.30 11.84
C LEU A 104 -14.75 11.36 12.30
N ARG A 105 -15.17 12.55 12.74
CA ARG A 105 -16.55 12.76 13.22
C ARG A 105 -17.61 12.67 12.12
N VAL A 106 -17.23 12.91 10.87
CA VAL A 106 -18.20 12.92 9.77
C VAL A 106 -18.22 11.60 8.98
N MET A 107 -17.04 11.13 8.59
CA MET A 107 -16.98 9.96 7.70
C MET A 107 -15.56 9.44 7.70
N ASN A 108 -15.36 8.27 8.30
CA ASN A 108 -14.02 7.66 8.32
C ASN A 108 -13.50 7.22 6.94
N HIS A 109 -14.39 6.61 6.17
CA HIS A 109 -14.01 5.92 4.94
C HIS A 109 -15.22 5.37 4.26
N VAL A 110 -15.32 5.59 2.95
CA VAL A 110 -16.27 4.87 2.11
C VAL A 110 -15.50 4.33 0.92
N MET A 111 -16.06 3.31 0.27
CA MET A 111 -15.47 2.73 -0.96
C MET A 111 -15.43 3.79 -2.06
N PHE A 112 -14.37 3.80 -2.89
CA PHE A 112 -14.27 4.80 -3.96
C PHE A 112 -14.88 4.24 -5.27
N GLY A 113 -15.50 3.08 -5.20
CA GLY A 113 -16.17 2.47 -6.36
C GLY A 113 -17.62 2.92 -6.49
N GLY A 114 -17.84 3.93 -7.34
CA GLY A 114 -19.17 4.51 -7.60
C GLY A 114 -19.54 5.64 -6.65
N LEU A 115 -18.65 5.94 -5.71
CA LEU A 115 -18.82 7.02 -4.72
C LEU A 115 -17.64 7.98 -4.78
N THR A 116 -17.89 9.24 -4.47
CA THR A 116 -16.81 10.21 -4.35
C THR A 116 -17.11 11.05 -3.11
N HIS A 117 -16.18 11.90 -2.71
CA HIS A 117 -16.34 12.63 -1.46
C HIS A 117 -15.51 13.88 -1.44
N GLU A 118 -15.78 14.76 -0.49
CA GLU A 118 -15.11 16.04 -0.42
C GLU A 118 -13.58 15.99 -0.22
N PRO A 119 -13.08 15.16 0.72
CA PRO A 119 -11.62 15.10 0.90
C PRO A 119 -10.89 14.72 -0.38
N ALA A 120 -11.41 13.72 -1.11
CA ALA A 120 -10.75 13.30 -2.35
C ALA A 120 -10.76 14.44 -3.37
N ALA A 121 -11.90 15.14 -3.49
CA ALA A 121 -12.00 16.22 -4.49
C ALA A 121 -11.10 17.37 -4.12
N ARG A 122 -11.13 17.74 -2.84
CA ARG A 122 -10.32 18.86 -2.37
C ARG A 122 -8.83 18.58 -2.61
N LEU A 123 -8.42 17.35 -2.29
CA LEU A 123 -7.00 16.99 -2.42
C LEU A 123 -6.60 16.93 -3.90
N ALA A 124 -7.46 16.35 -4.75
CA ALA A 124 -7.18 16.23 -6.18
C ALA A 124 -6.97 17.61 -6.82
N LYS A 125 -7.86 18.55 -6.50
CA LYS A 125 -7.74 19.92 -7.00
C LYS A 125 -6.44 20.59 -6.54
N LEU A 126 -6.06 20.40 -5.27
CA LEU A 126 -4.81 20.96 -4.76
C LEU A 126 -3.60 20.44 -5.52
N LEU A 127 -3.56 19.11 -5.67
CA LEU A 127 -2.42 18.43 -6.32
C LEU A 127 -2.32 18.79 -7.79
N VAL A 128 -3.45 18.88 -8.47
CA VAL A 128 -3.43 19.27 -9.87
C VAL A 128 -2.95 20.72 -10.01
N ASP A 129 -3.31 21.58 -9.06
CA ASP A 129 -2.89 22.97 -9.07
C ASP A 129 -1.40 23.21 -8.74
N ILE A 130 -0.81 22.42 -7.86
CA ILE A 130 0.55 22.70 -7.39
C ILE A 130 1.66 21.89 -8.06
N THR A 131 1.28 20.87 -8.80
CA THR A 131 2.25 20.04 -9.51
C THR A 131 2.61 20.69 -10.86
N PRO A 132 3.72 20.26 -11.48
CA PRO A 132 4.10 20.74 -12.82
C PRO A 132 2.94 20.79 -13.82
N ALA A 133 2.98 21.79 -14.69
CA ALA A 133 1.92 22.05 -15.67
C ALA A 133 1.52 20.80 -16.43
N GLY A 134 0.23 20.61 -16.61
CA GLY A 134 -0.23 19.54 -17.47
C GLY A 134 -0.64 18.25 -16.77
N LEU A 135 -0.29 18.11 -15.49
CA LEU A 135 -0.71 16.92 -14.72
C LEU A 135 -2.10 17.17 -14.13
N ASP A 136 -3.10 16.64 -14.83
CA ASP A 136 -4.53 16.99 -14.74
C ASP A 136 -5.40 15.92 -14.08
N THR A 137 -4.88 14.70 -13.93
N THR A 137 -4.84 14.73 -13.89
CA THR A 137 -5.68 13.59 -13.41
CA THR A 137 -5.60 13.56 -13.43
C THR A 137 -4.93 12.81 -12.34
C THR A 137 -4.88 12.94 -12.24
N VAL A 138 -5.63 12.44 -11.27
CA VAL A 138 -5.03 11.88 -10.03
C VAL A 138 -5.63 10.51 -9.70
N PHE A 139 -4.75 9.50 -9.65
CA PHE A 139 -5.13 8.18 -9.17
C PHE A 139 -4.51 8.00 -7.79
N PHE A 140 -5.34 7.94 -6.76
CA PHE A 140 -4.87 7.66 -5.38
C PHE A 140 -4.54 6.20 -5.09
N SER A 141 -3.47 5.96 -4.34
CA SER A 141 -3.24 4.66 -3.76
C SER A 141 -2.71 4.79 -2.33
N ASP A 142 -2.25 3.67 -1.77
CA ASP A 142 -1.94 3.63 -0.37
C ASP A 142 -0.49 3.57 -0.01
N SER A 143 0.40 3.52 -1.00
CA SER A 143 1.83 3.56 -0.69
C SER A 143 2.64 3.94 -1.92
N GLY A 144 3.90 4.30 -1.67
CA GLY A 144 4.78 4.77 -2.72
C GLY A 144 5.01 3.66 -3.73
N SER A 145 5.22 2.43 -3.26
CA SER A 145 5.52 1.33 -4.19
C SER A 145 4.34 1.12 -5.10
N VAL A 146 3.13 1.19 -4.54
CA VAL A 146 1.92 0.99 -5.33
C VAL A 146 1.79 2.10 -6.37
N SER A 147 2.05 3.34 -5.99
CA SER A 147 1.91 4.47 -6.94
C SER A 147 2.86 4.30 -8.13
N VAL A 148 4.03 3.70 -7.86
CA VAL A 148 5.03 3.39 -8.89
C VAL A 148 4.47 2.31 -9.83
N GLU A 149 3.83 1.26 -9.27
CA GLU A 149 3.23 0.17 -10.07
C GLU A 149 2.11 0.76 -10.95
N VAL A 150 1.35 1.69 -10.37
CA VAL A 150 0.25 2.35 -11.11
C VAL A 150 0.81 3.18 -12.27
N ALA A 151 1.90 3.91 -12.02
CA ALA A 151 2.57 4.72 -13.06
C ALA A 151 3.05 3.80 -14.19
N ALA A 152 3.68 2.68 -13.84
CA ALA A 152 4.12 1.72 -14.88
C ALA A 152 2.94 1.17 -15.68
N LYS A 153 1.85 0.85 -14.98
CA LYS A 153 0.69 0.29 -15.63
C LYS A 153 0.10 1.33 -16.59
N MET A 154 0.05 2.59 -16.16
CA MET A 154 -0.44 3.66 -17.03
C MET A 154 0.41 3.74 -18.30
N ALA A 155 1.75 3.70 -18.12
CA ALA A 155 2.69 3.78 -19.25
C ALA A 155 2.46 2.61 -20.21
N LEU A 156 2.40 1.39 -19.69
CA LEU A 156 2.21 0.22 -20.57
C LEU A 156 0.85 0.23 -21.25
N GLN A 157 -0.18 0.57 -20.49
CA GLN A 157 -1.51 0.60 -21.06
C GLN A 157 -1.66 1.72 -22.10
N TYR A 158 -0.97 2.84 -21.88
CA TYR A 158 -0.90 3.93 -22.87
C TYR A 158 -0.48 3.42 -24.25
N TRP A 159 0.67 2.74 -24.32
CA TRP A 159 1.15 2.24 -25.61
C TRP A 159 0.30 1.16 -26.22
N ARG A 160 -0.29 0.31 -25.40
CA ARG A 160 -1.27 -0.66 -25.89
C ARG A 160 -2.43 0.07 -26.53
N GLY A 161 -2.79 1.23 -25.97
CA GLY A 161 -3.87 2.04 -26.52
C GLY A 161 -3.45 2.77 -27.78
N ARG A 162 -2.16 2.74 -28.10
CA ARG A 162 -1.64 3.30 -29.36
C ARG A 162 -1.29 2.16 -30.31
N GLY A 163 -1.63 0.92 -29.96
CA GLY A 163 -1.35 -0.25 -30.82
C GLY A 163 0.14 -0.60 -30.86
N LEU A 164 0.86 -0.25 -29.80
CA LEU A 164 2.29 -0.53 -29.72
C LEU A 164 2.62 -1.32 -28.43
N PRO A 165 2.09 -2.57 -28.31
CA PRO A 165 2.29 -3.35 -27.08
C PRO A 165 3.71 -3.86 -26.84
N GLY A 166 4.55 -3.71 -27.86
CA GLY A 166 5.97 -4.01 -27.72
C GLY A 166 6.70 -2.99 -26.84
N LYS A 167 6.12 -1.81 -26.65
CA LYS A 167 6.71 -0.81 -25.78
C LYS A 167 6.34 -1.16 -24.33
N ARG A 168 7.14 -2.04 -23.72
CA ARG A 168 6.77 -2.67 -22.46
C ARG A 168 7.87 -2.62 -21.39
N ARG A 169 9.08 -2.16 -21.76
CA ARG A 169 10.19 -2.13 -20.80
C ARG A 169 10.35 -0.73 -20.22
N LEU A 170 11.07 -0.64 -19.11
CA LEU A 170 11.36 0.64 -18.48
C LEU A 170 12.83 0.91 -18.56
N MET A 171 13.19 2.18 -18.58
CA MET A 171 14.58 2.59 -18.57
C MET A 171 14.80 3.54 -17.41
N THR A 172 15.93 3.41 -16.74
CA THR A 172 16.28 4.34 -15.67
C THR A 172 17.79 4.47 -15.60
N TRP A 173 18.27 5.31 -14.70
CA TRP A 173 19.72 5.37 -14.44
C TRP A 173 20.05 4.72 -13.14
N ARG A 174 21.32 4.33 -12.97
CA ARG A 174 21.72 3.65 -11.74
C ARG A 174 21.65 4.58 -10.53
N GLY A 175 21.62 3.99 -9.34
CA GLY A 175 21.58 4.75 -8.10
C GLY A 175 20.17 4.96 -7.57
N GLY A 176 19.17 4.44 -8.29
CA GLY A 176 17.77 4.75 -8.00
C GLY A 176 17.09 3.81 -7.03
N TYR A 177 15.96 4.25 -6.49
CA TYR A 177 15.12 3.38 -5.65
C TYR A 177 13.69 3.82 -5.83
N HIS A 178 12.79 2.84 -5.98
CA HIS A 178 11.38 3.13 -6.30
C HIS A 178 10.42 2.25 -5.54
N GLY A 179 10.94 1.55 -4.53
CA GLY A 179 10.11 0.73 -3.62
C GLY A 179 10.40 -0.75 -3.74
N ASP A 180 9.58 -1.57 -3.07
CA ASP A 180 9.90 -2.98 -2.77
C ASP A 180 9.00 -4.05 -3.41
N THR A 181 7.90 -3.65 -4.04
CA THR A 181 7.12 -4.60 -4.83
C THR A 181 7.92 -5.02 -6.05
N PHE A 182 7.56 -6.16 -6.65
CA PHE A 182 8.41 -6.78 -7.69
C PHE A 182 8.64 -5.93 -8.94
N LEU A 183 7.64 -5.19 -9.38
CA LEU A 183 7.89 -4.28 -10.49
C LEU A 183 8.79 -3.12 -10.06
N ALA A 184 8.49 -2.53 -8.90
CA ALA A 184 9.31 -1.44 -8.40
C ALA A 184 10.77 -1.88 -8.19
N MET A 185 10.97 -3.13 -7.75
CA MET A 185 12.34 -3.65 -7.57
C MET A 185 13.13 -3.67 -8.87
N SER A 186 12.43 -3.86 -9.98
CA SER A 186 13.07 -4.06 -11.30
C SER A 186 13.76 -2.81 -11.81
N ILE A 187 13.40 -1.65 -11.25
CA ILE A 187 14.06 -0.37 -11.58
C ILE A 187 14.93 0.16 -10.40
N CYS A 188 15.04 -0.62 -9.32
N CYS A 188 15.04 -0.59 -9.31
CA CYS A 188 16.04 -0.30 -8.28
CA CYS A 188 15.96 -0.22 -8.24
C CYS A 188 17.43 -0.46 -8.88
C CYS A 188 17.40 -0.60 -8.65
N ASP A 189 18.37 0.24 -8.29
CA ASP A 189 19.79 0.04 -8.63
C ASP A 189 20.18 -1.41 -8.37
N PRO A 190 20.68 -2.11 -9.39
CA PRO A 190 20.97 -3.54 -9.23
C PRO A 190 22.21 -3.85 -8.37
N HIS A 191 23.22 -2.96 -8.43
CA HIS A 191 24.64 -3.25 -8.03
C HIS A 191 25.12 -3.17 -6.60
N GLY A 192 24.29 -2.78 -5.64
CA GLY A 192 22.89 -2.45 -5.86
C GLY A 192 22.08 -2.48 -4.60
N GLY A 193 21.14 -1.54 -4.51
CA GLY A 193 20.27 -1.37 -3.34
C GLY A 193 19.76 -2.65 -2.72
N MET A 194 19.53 -3.66 -3.56
CA MET A 194 19.16 -5.01 -3.14
C MET A 194 18.84 -5.82 -4.39
N HIS A 195 19.87 -6.08 -5.17
CA HIS A 195 19.72 -6.80 -6.42
C HIS A 195 20.28 -8.16 -6.23
N SER A 196 21.11 -8.57 -7.19
CA SER A 196 21.92 -9.80 -7.13
C SER A 196 21.09 -11.06 -6.90
N LEU A 197 20.58 -11.19 -5.67
CA LEU A 197 19.73 -12.27 -5.23
C LEU A 197 18.50 -12.42 -6.12
N TRP A 198 18.00 -11.28 -6.60
CA TRP A 198 16.73 -11.22 -7.31
C TRP A 198 16.86 -11.13 -8.79
N THR A 199 17.79 -10.28 -9.24
CA THR A 199 17.97 -9.98 -10.68
C THR A 199 17.46 -11.08 -11.63
N ASP A 200 17.79 -12.35 -11.33
CA ASP A 200 17.35 -13.50 -12.14
C ASP A 200 15.86 -13.92 -12.00
N VAL A 201 15.05 -13.14 -11.29
CA VAL A 201 13.57 -13.34 -11.24
C VAL A 201 12.77 -12.07 -11.58
N LEU A 202 13.45 -10.93 -11.54
CA LEU A 202 12.85 -9.63 -11.85
C LEU A 202 12.79 -9.39 -13.35
N ALA A 203 11.86 -8.54 -13.80
CA ALA A 203 11.85 -8.02 -15.18
C ALA A 203 13.17 -7.33 -15.45
N ALA A 204 13.74 -7.57 -16.63
CA ALA A 204 15.06 -7.02 -16.94
C ALA A 204 14.85 -5.68 -17.62
N GLN A 205 15.19 -4.61 -16.92
CA GLN A 205 14.94 -3.26 -17.41
C GLN A 205 16.22 -2.72 -18.00
N VAL A 206 16.16 -1.52 -18.56
CA VAL A 206 17.33 -0.91 -19.19
C VAL A 206 17.93 0.10 -18.22
N PHE A 207 19.21 -0.08 -17.89
CA PHE A 207 19.87 0.88 -16.96
C PHE A 207 20.98 1.67 -17.62
N ALA A 208 20.83 2.99 -17.61
CA ALA A 208 21.94 3.90 -17.91
C ALA A 208 22.90 3.99 -16.71
N PRO A 209 24.14 4.50 -16.95
CA PRO A 209 25.13 4.61 -15.88
C PRO A 209 24.68 5.64 -14.85
N GLN A 210 25.36 5.63 -13.71
CA GLN A 210 25.10 6.63 -12.65
C GLN A 210 25.14 8.06 -13.18
N VAL A 211 24.05 8.80 -12.94
CA VAL A 211 24.00 10.19 -13.31
C VAL A 211 24.94 10.98 -12.40
N PRO A 212 25.83 11.82 -12.99
CA PRO A 212 26.84 12.51 -12.17
C PRO A 212 26.23 13.69 -11.40
N ARG A 213 26.94 14.17 -10.38
CA ARG A 213 26.55 15.40 -9.69
C ARG A 213 26.53 16.61 -10.63
N ASP A 214 27.68 16.89 -11.23
CA ASP A 214 27.86 18.03 -12.11
C ASP A 214 27.37 17.75 -13.53
N TYR A 215 26.83 18.79 -14.16
CA TYR A 215 26.28 18.67 -15.50
C TYR A 215 27.33 18.45 -16.58
N ASP A 216 27.21 17.32 -17.28
CA ASP A 216 28.08 16.96 -18.39
C ASP A 216 27.18 16.55 -19.55
N PRO A 217 27.15 17.37 -20.63
CA PRO A 217 26.28 17.10 -21.78
C PRO A 217 26.56 15.74 -22.41
N ALA A 218 27.78 15.23 -22.21
CA ALA A 218 28.17 13.93 -22.75
C ALA A 218 27.40 12.77 -22.12
N TYR A 219 27.09 12.91 -20.83
CA TYR A 219 26.29 11.91 -20.13
C TYR A 219 24.92 11.79 -20.79
N SER A 220 24.29 12.94 -21.07
CA SER A 220 22.97 12.98 -21.71
C SER A 220 22.98 12.43 -23.13
N ALA A 221 24.04 12.73 -23.90
CA ALA A 221 24.18 12.18 -25.26
C ALA A 221 24.27 10.66 -25.22
N ALA A 222 25.03 10.12 -24.27
CA ALA A 222 25.17 8.67 -24.10
C ALA A 222 23.84 8.03 -23.67
N PHE A 223 23.12 8.71 -22.77
CA PHE A 223 21.79 8.25 -22.34
C PHE A 223 20.87 8.17 -23.55
N GLU A 224 20.88 9.23 -24.36
CA GLU A 224 20.08 9.27 -25.58
C GLU A 224 20.39 8.10 -26.52
N ALA A 225 21.69 7.86 -26.75
CA ALA A 225 22.11 6.81 -27.68
C ALA A 225 21.67 5.43 -27.17
N GLN A 226 21.77 5.21 -25.87
CA GLN A 226 21.33 3.93 -25.28
C GLN A 226 19.82 3.80 -25.43
N LEU A 227 19.08 4.85 -25.06
CA LEU A 227 17.63 4.84 -25.20
C LEU A 227 17.19 4.58 -26.65
N ALA A 228 17.86 5.22 -27.59
CA ALA A 228 17.51 5.13 -29.01
C ALA A 228 17.47 3.69 -29.52
N GLN A 229 18.41 2.87 -29.08
CA GLN A 229 18.44 1.50 -29.57
C GLN A 229 17.32 0.66 -28.98
N HIS A 230 16.71 1.15 -27.90
CA HIS A 230 15.66 0.42 -27.21
C HIS A 230 14.31 1.06 -27.38
N ALA A 231 14.23 2.16 -28.13
CA ALA A 231 13.02 3.01 -28.12
C ALA A 231 11.74 2.22 -28.41
N GLY A 232 11.80 1.31 -29.38
CA GLY A 232 10.66 0.49 -29.79
C GLY A 232 10.22 -0.56 -28.77
N GLU A 233 11.01 -0.79 -27.73
CA GLU A 233 10.57 -1.70 -26.67
C GLU A 233 10.39 -1.00 -25.33
N LEU A 234 10.56 0.32 -25.32
CA LEU A 234 10.45 1.12 -24.08
C LEU A 234 9.14 1.85 -23.94
N ALA A 235 8.48 1.64 -22.80
CA ALA A 235 7.26 2.39 -22.49
C ALA A 235 7.61 3.72 -21.82
N ALA A 236 8.66 3.73 -21.03
CA ALA A 236 8.92 4.89 -20.16
C ALA A 236 10.33 4.91 -19.61
N VAL A 237 10.79 6.14 -19.35
CA VAL A 237 11.94 6.42 -18.49
C VAL A 237 11.39 6.79 -17.12
N VAL A 238 11.93 6.18 -16.06
CA VAL A 238 11.48 6.44 -14.69
C VAL A 238 12.71 6.86 -13.89
N VAL A 239 12.67 8.05 -13.28
CA VAL A 239 13.76 8.51 -12.44
C VAL A 239 13.26 9.30 -11.25
N GLU A 240 14.08 9.35 -10.20
CA GLU A 240 13.92 10.34 -9.10
C GLU A 240 14.59 11.64 -9.56
N PRO A 241 13.83 12.76 -9.60
CA PRO A 241 14.43 14.03 -10.07
C PRO A 241 15.24 14.75 -9.00
N VAL A 242 16.45 15.18 -9.37
CA VAL A 242 17.38 15.97 -8.51
C VAL A 242 18.04 15.21 -7.38
N VAL A 243 17.25 14.49 -6.57
CA VAL A 243 17.78 13.76 -5.43
C VAL A 243 17.45 12.28 -5.53
N GLN A 244 18.48 11.44 -5.45
CA GLN A 244 18.29 10.02 -5.31
C GLN A 244 18.41 9.68 -3.84
N GLY A 245 17.34 9.13 -3.27
CA GLY A 245 17.25 8.89 -1.82
C GLY A 245 17.91 7.62 -1.34
N ALA A 246 17.14 6.53 -1.31
CA ALA A 246 17.58 5.29 -0.66
C ALA A 246 18.77 4.65 -1.37
N GLY A 247 19.00 5.06 -2.61
CA GLY A 247 20.06 4.45 -3.40
C GLY A 247 21.40 5.09 -3.18
N GLY A 248 21.46 6.12 -2.35
CA GLY A 248 22.74 6.77 -2.03
C GLY A 248 22.73 8.25 -1.62
N MET A 249 21.55 8.83 -1.42
CA MET A 249 21.44 10.24 -1.02
C MET A 249 22.34 11.12 -1.91
N ARG A 250 22.24 10.89 -3.22
CA ARG A 250 23.02 11.59 -4.24
C ARG A 250 22.23 12.68 -4.90
N PHE A 251 22.91 13.77 -5.27
CA PHE A 251 22.24 14.86 -5.98
C PHE A 251 22.78 14.98 -7.41
N HIS A 252 21.96 15.44 -8.33
CA HIS A 252 22.41 15.66 -9.70
C HIS A 252 21.86 16.94 -10.28
N ASP A 253 22.58 17.52 -11.24
CA ASP A 253 22.19 18.81 -11.78
C ASP A 253 20.81 18.70 -12.42
N PRO A 254 19.90 19.63 -12.09
CA PRO A 254 18.53 19.56 -12.64
C PRO A 254 18.48 19.61 -14.18
N ARG A 255 19.50 20.21 -14.79
CA ARG A 255 19.56 20.22 -16.26
C ARG A 255 19.48 18.84 -16.93
N TYR A 256 19.91 17.78 -16.22
CA TYR A 256 19.77 16.41 -16.73
C TYR A 256 18.31 16.05 -16.96
N LEU A 257 17.42 16.58 -16.12
CA LEU A 257 15.98 16.33 -16.26
C LEU A 257 15.40 17.02 -17.51
N HIS A 258 15.94 18.19 -17.83
CA HIS A 258 15.57 18.90 -19.05
C HIS A 258 15.93 18.09 -20.26
N ASP A 259 17.11 17.48 -20.23
CA ASP A 259 17.55 16.57 -21.29
C ASP A 259 16.66 15.32 -21.41
N LEU A 260 16.33 14.70 -20.28
CA LEU A 260 15.44 13.53 -20.30
C LEU A 260 14.10 13.90 -20.94
N ARG A 261 13.56 15.07 -20.60
CA ARG A 261 12.26 15.50 -21.17
C ARG A 261 12.32 15.59 -22.70
N ASP A 262 13.40 16.19 -23.17
CA ASP A 262 13.68 16.34 -24.58
C ASP A 262 13.90 14.97 -25.27
N ILE A 263 14.76 14.12 -24.71
CA ILE A 263 15.02 12.78 -25.26
C ILE A 263 13.72 11.97 -25.36
N CYS A 264 12.92 12.01 -24.30
CA CYS A 264 11.66 11.26 -24.27
C CYS A 264 10.68 11.79 -25.32
N ARG A 265 10.55 13.10 -25.43
CA ARG A 265 9.74 13.71 -26.50
C ARG A 265 10.12 13.19 -27.90
N ARG A 266 11.41 13.28 -28.24
CA ARG A 266 11.85 12.99 -29.60
C ARG A 266 11.79 11.49 -29.98
N TYR A 267 11.96 10.62 -28.99
CA TYR A 267 11.93 9.17 -29.23
C TYR A 267 10.62 8.52 -28.82
N GLU A 268 9.66 9.32 -28.37
CA GLU A 268 8.30 8.83 -28.12
C GLU A 268 8.36 7.77 -27.02
N VAL A 269 8.89 8.18 -25.88
CA VAL A 269 8.96 7.33 -24.68
C VAL A 269 8.40 8.24 -23.59
N LEU A 270 7.52 7.72 -22.74
CA LEU A 270 6.96 8.55 -21.67
C LEU A 270 7.99 8.81 -20.59
N LEU A 271 7.80 9.91 -19.86
CA LEU A 271 8.70 10.26 -18.77
C LEU A 271 7.92 10.23 -17.46
N ILE A 272 8.44 9.44 -16.53
CA ILE A 272 7.89 9.38 -15.18
C ILE A 272 8.88 9.92 -14.16
N PHE A 273 8.43 10.92 -13.38
CA PHE A 273 9.21 11.35 -12.22
C PHE A 273 8.59 10.78 -10.95
N ASP A 274 9.44 10.14 -10.18
CA ASP A 274 9.05 9.58 -8.88
C ASP A 274 9.46 10.60 -7.85
N GLU A 275 8.50 11.40 -7.39
CA GLU A 275 8.79 12.45 -6.41
C GLU A 275 8.31 12.08 -5.02
N ILE A 276 8.27 10.77 -4.75
CA ILE A 276 7.84 10.30 -3.44
C ILE A 276 8.71 10.83 -2.29
N ALA A 277 10.01 10.98 -2.50
CA ALA A 277 10.88 11.56 -1.48
C ALA A 277 11.15 13.06 -1.66
N THR A 278 11.13 13.54 -2.91
CA THR A 278 11.52 14.92 -3.20
C THR A 278 10.36 15.93 -3.11
N GLY A 279 9.13 15.43 -3.01
CA GLY A 279 7.93 16.28 -3.09
C GLY A 279 7.72 17.28 -1.95
N PHE A 280 6.80 18.23 -2.16
CA PHE A 280 6.33 19.10 -1.08
C PHE A 280 7.42 19.99 -0.44
N GLY A 281 8.27 20.57 -1.28
CA GLY A 281 9.22 21.60 -0.87
C GLY A 281 10.60 21.13 -0.43
N ARG A 282 10.79 19.81 -0.26
CA ARG A 282 12.00 19.28 0.40
C ARG A 282 13.34 19.76 -0.18
N THR A 283 13.40 19.86 -1.52
CA THR A 283 14.63 20.22 -2.24
C THR A 283 14.75 21.72 -2.55
N GLY A 284 13.81 22.51 -2.02
CA GLY A 284 13.87 23.96 -2.18
C GLY A 284 12.98 24.46 -3.30
N ALA A 285 12.30 23.54 -3.96
CA ALA A 285 11.25 23.85 -4.92
C ALA A 285 10.04 23.02 -4.49
N LEU A 286 8.85 23.39 -4.93
CA LEU A 286 7.66 22.67 -4.43
C LEU A 286 7.75 21.21 -4.86
N PHE A 287 8.14 21.00 -6.11
CA PHE A 287 8.53 19.68 -6.59
C PHE A 287 9.87 19.82 -7.27
N ALA A 288 10.68 18.77 -7.21
CA ALA A 288 12.04 18.83 -7.71
C ALA A 288 12.08 19.12 -9.21
N ALA A 289 11.03 18.70 -9.93
CA ALA A 289 10.92 18.95 -11.37
C ALA A 289 11.01 20.44 -11.67
N ASP A 290 10.53 21.25 -10.73
CA ASP A 290 10.48 22.71 -10.89
C ASP A 290 11.87 23.35 -10.99
N HIS A 291 12.88 22.74 -10.38
CA HIS A 291 14.28 23.17 -10.54
C HIS A 291 14.68 23.15 -11.99
N ALA A 292 14.13 22.20 -12.74
CA ALA A 292 14.46 22.04 -14.15
C ALA A 292 13.41 22.70 -15.06
N GLY A 293 12.27 23.09 -14.51
CA GLY A 293 11.17 23.70 -15.26
C GLY A 293 10.62 22.78 -16.33
N VAL A 294 10.36 21.53 -15.94
CA VAL A 294 9.94 20.49 -16.85
C VAL A 294 8.79 19.71 -16.21
N SER A 295 7.86 19.23 -17.04
CA SER A 295 6.74 18.42 -16.59
C SER A 295 6.92 16.99 -17.12
N PRO A 296 6.81 16.00 -16.21
CA PRO A 296 6.79 14.64 -16.73
C PRO A 296 5.39 14.30 -17.29
N ASP A 297 5.26 13.14 -17.94
CA ASP A 297 3.96 12.68 -18.42
C ASP A 297 3.17 12.07 -17.26
N ILE A 298 3.89 11.50 -16.30
CA ILE A 298 3.32 10.82 -15.14
C ILE A 298 4.22 11.13 -13.93
N MET A 299 3.59 11.29 -12.76
CA MET A 299 4.30 11.72 -11.57
C MET A 299 3.80 10.96 -10.33
N CYS A 300 4.71 10.52 -9.48
CA CYS A 300 4.32 9.84 -8.24
C CYS A 300 4.63 10.74 -7.08
N VAL A 301 3.68 10.84 -6.13
CA VAL A 301 3.91 11.58 -4.90
C VAL A 301 3.44 10.73 -3.72
N GLY A 302 4.00 11.03 -2.54
CA GLY A 302 3.68 10.26 -1.33
C GLY A 302 4.28 10.91 -0.11
N LYS A 303 4.57 10.09 0.90
CA LYS A 303 5.33 10.46 2.12
C LYS A 303 4.86 11.76 2.80
N ALA A 304 5.51 12.87 2.45
CA ALA A 304 5.16 14.19 3.02
C ALA A 304 3.76 14.66 2.63
N LEU A 305 3.18 14.03 1.61
CA LEU A 305 1.78 14.26 1.22
C LEU A 305 0.81 14.37 2.42
N THR A 306 0.93 13.42 3.35
CA THR A 306 0.00 13.37 4.49
C THR A 306 0.57 14.02 5.75
N GLY A 307 1.67 14.74 5.58
CA GLY A 307 2.41 15.31 6.73
C GLY A 307 2.93 14.21 7.62
N GLY A 308 2.98 12.99 7.08
CA GLY A 308 3.49 11.86 7.81
C GLY A 308 2.56 11.20 8.81
N TYR A 309 1.27 11.47 8.72
CA TYR A 309 0.32 10.88 9.65
C TYR A 309 -0.14 9.47 9.26
N LEU A 310 -0.34 9.27 7.96
CA LEU A 310 -1.00 8.10 7.40
C LEU A 310 -0.42 7.74 6.05
N SER A 311 -0.55 6.47 5.65
CA SER A 311 -0.10 6.06 4.32
CA SER A 311 -0.08 6.07 4.32
C SER A 311 -1.09 6.54 3.26
N LEU A 312 -0.57 7.27 2.28
CA LEU A 312 -1.30 7.70 1.10
C LEU A 312 -0.26 8.03 0.03
N ALA A 313 -0.63 7.81 -1.22
CA ALA A 313 0.21 8.21 -2.35
C ALA A 313 -0.71 8.56 -3.50
N ALA A 314 -0.14 9.15 -4.56
CA ALA A 314 -0.91 9.48 -5.74
C ALA A 314 -0.03 9.37 -6.97
N THR A 315 -0.66 9.04 -8.09
CA THR A 315 -0.01 9.00 -9.38
C THR A 315 -0.81 9.94 -10.24
N LEU A 316 -0.13 10.95 -10.78
CA LEU A 316 -0.80 11.91 -11.62
C LEU A 316 -0.33 11.71 -13.04
N CYS A 317 -1.21 12.01 -13.98
CA CYS A 317 -0.83 11.95 -15.38
C CYS A 317 -1.48 13.08 -16.17
N THR A 318 -0.97 13.29 -17.38
CA THR A 318 -1.50 14.30 -18.29
C THR A 318 -2.83 13.88 -18.90
N ALA A 319 -3.54 14.86 -19.50
CA ALA A 319 -4.78 14.59 -20.22
C ALA A 319 -4.55 13.58 -21.34
N ASP A 320 -3.45 13.74 -22.08
CA ASP A 320 -3.15 12.80 -23.18
C ASP A 320 -2.99 11.37 -22.67
N VAL A 321 -2.25 11.20 -21.57
CA VAL A 321 -2.07 9.85 -21.03
C VAL A 321 -3.44 9.28 -20.62
N ALA A 322 -4.22 10.04 -19.87
CA ALA A 322 -5.51 9.55 -19.38
C ALA A 322 -6.47 9.19 -20.52
N HIS A 323 -6.57 10.06 -21.52
CA HIS A 323 -7.51 9.83 -22.61
C HIS A 323 -7.07 8.71 -23.51
N THR A 324 -5.76 8.60 -23.74
CA THR A 324 -5.23 7.51 -24.57
C THR A 324 -5.50 6.14 -23.96
N ILE A 325 -5.29 6.03 -22.64
CA ILE A 325 -5.70 4.82 -21.92
C ILE A 325 -7.21 4.62 -22.11
N SER A 326 -7.99 5.66 -21.85
CA SER A 326 -9.45 5.56 -21.80
C SER A 326 -10.10 5.30 -23.18
N ALA A 327 -9.40 5.69 -24.26
CA ALA A 327 -9.89 5.43 -25.63
C ALA A 327 -9.42 4.08 -26.19
N GLY A 328 -8.44 3.45 -25.54
CA GLY A 328 -7.91 2.16 -25.99
C GLY A 328 -8.96 1.07 -25.86
N ALA A 329 -8.81 0.01 -26.67
CA ALA A 329 -9.74 -1.12 -26.63
C ALA A 329 -9.86 -1.74 -25.23
N ALA A 330 -8.74 -1.83 -24.52
CA ALA A 330 -8.75 -2.23 -23.10
C ALA A 330 -9.76 -1.42 -22.28
N GLY A 331 -9.83 -0.13 -22.57
CA GLY A 331 -10.71 0.76 -21.85
C GLY A 331 -10.12 1.15 -20.52
N ALA A 332 -10.61 0.51 -19.46
CA ALA A 332 -10.39 0.98 -18.09
C ALA A 332 -9.01 0.60 -17.54
N LEU A 333 -8.48 1.43 -16.66
CA LEU A 333 -7.28 1.11 -15.89
C LEU A 333 -7.68 0.14 -14.76
N MET A 334 -7.27 -1.12 -14.88
CA MET A 334 -7.71 -2.16 -13.92
C MET A 334 -6.84 -2.12 -12.68
N HIS A 335 -7.13 -1.14 -11.83
CA HIS A 335 -6.43 -0.96 -10.57
C HIS A 335 -7.40 -0.29 -9.63
N GLY A 336 -7.35 -0.65 -8.36
CA GLY A 336 -8.28 -0.13 -7.35
C GLY A 336 -8.07 -0.66 -5.95
N PRO A 337 -7.13 -0.08 -5.21
CA PRO A 337 -6.85 -0.51 -3.84
C PRO A 337 -8.06 -0.32 -2.91
N THR A 338 -8.21 -1.24 -1.96
CA THR A 338 -9.35 -1.23 -1.07
C THR A 338 -9.59 0.17 -0.49
N PHE A 339 -8.54 0.78 0.04
CA PHE A 339 -8.67 2.06 0.73
C PHE A 339 -8.36 3.25 -0.16
N MET A 340 -8.45 3.04 -1.47
CA MET A 340 -8.26 4.13 -2.42
C MET A 340 -8.99 5.40 -1.99
N ALA A 341 -8.25 6.51 -1.93
CA ALA A 341 -8.80 7.84 -1.64
C ALA A 341 -9.46 7.92 -0.26
N ASN A 342 -8.96 7.12 0.68
CA ASN A 342 -9.44 7.11 2.07
C ASN A 342 -9.69 8.54 2.60
N PRO A 343 -10.96 8.84 3.00
CA PRO A 343 -11.25 10.20 3.52
C PRO A 343 -10.37 10.71 4.63
N LEU A 344 -10.03 9.87 5.62
CA LEU A 344 -9.11 10.31 6.70
C LEU A 344 -7.75 10.73 6.17
N ALA A 345 -7.14 9.87 5.35
CA ALA A 345 -5.82 10.17 4.82
C ALA A 345 -5.88 11.41 3.91
N CYS A 346 -6.93 11.52 3.12
CA CYS A 346 -7.08 12.67 2.22
C CYS A 346 -7.27 13.95 3.02
N ALA A 347 -8.08 13.89 4.08
CA ALA A 347 -8.36 15.08 4.94
C ALA A 347 -7.11 15.68 5.57
N VAL A 348 -6.27 14.82 6.13
CA VAL A 348 -5.05 15.29 6.78
C VAL A 348 -4.09 15.84 5.72
N SER A 349 -4.06 15.22 4.53
CA SER A 349 -3.20 15.68 3.43
CA SER A 349 -3.19 15.68 3.45
C SER A 349 -3.58 17.08 2.95
N VAL A 350 -4.89 17.32 2.80
CA VAL A 350 -5.39 18.63 2.42
C VAL A 350 -4.84 19.67 3.41
N ALA A 351 -4.96 19.38 4.71
CA ALA A 351 -4.52 20.30 5.73
C ALA A 351 -2.99 20.47 5.68
N SER A 352 -2.27 19.37 5.42
CA SER A 352 -0.81 19.44 5.33
C SER A 352 -0.36 20.31 4.15
N VAL A 353 -1.00 20.13 3.00
CA VAL A 353 -0.63 20.90 1.81
C VAL A 353 -0.96 22.37 1.98
N GLU A 354 -2.15 22.65 2.53
CA GLU A 354 -2.57 24.04 2.75
C GLU A 354 -1.65 24.74 3.76
N LEU A 355 -1.24 24.00 4.78
CA LEU A 355 -0.35 24.55 5.81
C LEU A 355 1.00 24.90 5.22
N LEU A 356 1.48 24.05 4.32
CA LEU A 356 2.72 24.33 3.61
C LEU A 356 2.57 25.57 2.72
N LEU A 357 1.47 25.65 1.96
CA LEU A 357 1.29 26.70 0.96
C LEU A 357 0.97 28.06 1.58
N GLY A 358 0.38 28.01 2.77
CA GLY A 358 -0.04 29.23 3.49
C GLY A 358 1.06 29.89 4.31
N GLN A 359 2.29 29.39 4.19
CA GLN A 359 3.46 30.03 4.81
C GLN A 359 4.52 30.32 3.74
N ASP A 360 5.55 31.08 4.09
CA ASP A 360 6.64 31.32 3.12
C ASP A 360 7.61 30.13 3.20
N TRP A 361 7.17 29.01 2.63
CA TRP A 361 7.93 27.76 2.72
C TRP A 361 9.28 27.82 2.04
N ARG A 362 9.39 28.65 1.00
CA ARG A 362 10.61 28.79 0.23
C ARG A 362 11.73 29.40 1.08
N THR A 363 11.39 30.44 1.84
CA THR A 363 12.35 31.03 2.75
C THR A 363 12.71 30.06 3.88
N ARG A 364 11.72 29.31 4.36
CA ARG A 364 11.95 28.34 5.42
C ARG A 364 12.98 27.29 4.99
N ILE A 365 12.84 26.76 3.78
CA ILE A 365 13.79 25.73 3.29
C ILE A 365 15.18 26.33 3.05
N THR A 366 15.20 27.55 2.48
CA THR A 366 16.47 28.27 2.29
C THR A 366 17.23 28.42 3.60
N GLU A 367 16.52 28.75 4.68
CA GLU A 367 17.13 28.89 6.01
C GLU A 367 17.64 27.56 6.53
N LEU A 368 16.81 26.51 6.35
CA LEU A 368 17.22 25.17 6.72
C LEU A 368 18.48 24.74 5.96
N ALA A 369 18.50 24.98 4.64
CA ALA A 369 19.69 24.65 3.83
C ALA A 369 20.91 25.41 4.36
N ALA A 370 20.67 26.64 4.81
CA ALA A 370 21.75 27.50 5.33
C ALA A 370 22.35 26.95 6.62
N GLY A 371 21.46 26.54 7.52
CA GLY A 371 21.85 25.96 8.80
C GLY A 371 22.53 24.62 8.66
N LEU A 372 22.05 23.80 7.70
CA LEU A 372 22.70 22.51 7.45
C LEU A 372 24.11 22.73 6.91
N THR A 373 24.23 23.65 5.95
CA THR A 373 25.54 23.96 5.34
C THR A 373 26.54 24.42 6.41
N ALA A 374 26.09 25.33 7.27
CA ALA A 374 26.95 25.93 8.31
C ALA A 374 27.36 24.91 9.33
N GLY A 375 26.39 24.10 9.79
CA GLY A 375 26.67 23.04 10.75
C GLY A 375 27.55 21.91 10.24
N LEU A 376 27.37 21.54 8.98
CA LEU A 376 28.11 20.37 8.46
C LEU A 376 29.49 20.71 7.93
N ASP A 377 29.79 22.02 7.86
CA ASP A 377 31.08 22.49 7.35
C ASP A 377 32.30 21.86 8.04
N THR A 378 32.21 21.71 9.36
N THR A 378 32.22 21.68 9.36
CA THR A 378 33.26 21.13 10.17
CA THR A 378 33.36 21.15 10.12
C THR A 378 33.71 19.77 9.63
C THR A 378 33.66 19.68 9.83
N ALA A 379 32.73 18.99 9.16
CA ALA A 379 32.96 17.61 8.71
C ALA A 379 33.91 17.46 7.51
N ARG A 380 34.01 18.52 6.70
CA ARG A 380 34.71 18.45 5.41
C ARG A 380 36.17 18.05 5.59
N ALA A 381 36.75 18.50 6.71
CA ALA A 381 38.18 18.34 7.02
C ALA A 381 38.48 17.09 7.83
N LEU A 382 37.44 16.30 8.13
CA LEU A 382 37.59 15.08 8.92
C LEU A 382 38.20 13.94 8.09
N PRO A 383 39.12 13.16 8.69
CA PRO A 383 39.87 12.13 7.97
C PRO A 383 39.03 11.10 7.21
N ALA A 384 37.92 10.65 7.80
CA ALA A 384 37.10 9.62 7.14
C ALA A 384 36.07 10.19 6.16
N VAL A 385 36.03 11.49 5.95
CA VAL A 385 34.94 12.12 5.18
C VAL A 385 35.33 12.42 3.74
N THR A 386 34.53 11.90 2.79
CA THR A 386 34.80 12.09 1.35
C THR A 386 33.95 13.18 0.67
N ASP A 387 32.77 13.47 1.22
CA ASP A 387 31.95 14.54 0.68
C ASP A 387 31.03 15.07 1.77
N VAL A 388 30.70 16.36 1.66
CA VAL A 388 29.63 16.97 2.43
C VAL A 388 28.75 17.71 1.43
N ARG A 389 27.45 17.44 1.46
CA ARG A 389 26.56 18.02 0.48
C ARG A 389 25.16 18.34 1.05
N VAL A 390 24.60 19.44 0.56
CA VAL A 390 23.31 19.92 1.03
C VAL A 390 22.47 20.33 -0.17
N CYS A 391 21.19 19.97 -0.16
CA CYS A 391 20.27 20.43 -1.19
C CYS A 391 18.93 20.67 -0.51
N GLY A 392 18.48 21.93 -0.45
CA GLY A 392 17.29 22.29 0.33
C GLY A 392 17.43 21.73 1.73
N ALA A 393 16.36 21.16 2.28
CA ALA A 393 16.39 20.61 3.64
C ALA A 393 16.86 19.13 3.72
N ILE A 394 18.04 18.91 3.15
CA ILE A 394 18.68 17.60 3.12
C ILE A 394 20.17 17.82 3.34
N GLY A 395 20.75 17.11 4.30
CA GLY A 395 22.18 17.28 4.60
C GLY A 395 22.84 15.92 4.65
N VAL A 396 23.97 15.78 3.95
CA VAL A 396 24.65 14.48 3.86
C VAL A 396 26.17 14.58 4.12
N ILE A 397 26.67 13.73 4.99
CA ILE A 397 28.11 13.47 5.12
C ILE A 397 28.38 12.08 4.55
N GLU A 398 29.21 12.02 3.52
CA GLU A 398 29.64 10.73 2.98
C GLU A 398 31.05 10.39 3.47
N CYS A 399 31.20 9.18 4.00
CA CYS A 399 32.44 8.68 4.59
C CYS A 399 33.17 7.69 3.67
N ASP A 400 34.38 7.29 4.05
CA ASP A 400 35.19 6.40 3.22
C ASP A 400 35.05 4.92 3.58
N ARG A 401 34.18 4.62 4.53
CA ARG A 401 33.93 3.26 4.97
C ARG A 401 32.54 3.20 5.60
N PRO A 402 31.97 1.98 5.75
CA PRO A 402 30.67 1.84 6.40
C PRO A 402 30.65 2.45 7.80
N VAL A 403 29.52 3.03 8.18
CA VAL A 403 29.33 3.62 9.52
C VAL A 403 28.81 2.55 10.48
N ASP A 404 29.55 2.30 11.55
CA ASP A 404 29.17 1.31 12.56
C ASP A 404 28.04 1.84 13.45
N LEU A 405 26.87 1.20 13.40
CA LEU A 405 25.71 1.67 14.17
C LEU A 405 25.93 1.60 15.68
N ALA A 406 26.64 0.55 16.13
CA ALA A 406 26.98 0.38 17.54
C ALA A 406 27.75 1.58 18.10
N VAL A 407 28.49 2.28 17.24
CA VAL A 407 29.23 3.47 17.61
C VAL A 407 28.35 4.72 17.40
N ALA A 408 27.76 4.83 16.21
CA ALA A 408 26.95 5.99 15.82
C ALA A 408 25.71 6.27 16.68
N THR A 409 25.01 5.21 17.11
CA THR A 409 23.75 5.37 17.85
C THR A 409 23.90 6.02 19.24
N PRO A 410 24.75 5.44 20.11
CA PRO A 410 24.95 6.09 21.42
C PRO A 410 25.48 7.50 21.27
N ALA A 411 26.35 7.72 20.28
CA ALA A 411 26.90 9.04 20.01
C ALA A 411 25.81 10.07 19.67
N ALA A 412 24.87 9.66 18.83
CA ALA A 412 23.77 10.53 18.42
C ALA A 412 22.78 10.71 19.56
N LEU A 413 22.43 9.63 20.24
CA LEU A 413 21.50 9.70 21.37
C LEU A 413 22.04 10.55 22.52
N ASP A 414 23.34 10.45 22.79
CA ASP A 414 23.97 11.28 23.81
C ASP A 414 23.74 12.76 23.51
N ARG A 415 23.68 13.08 22.23
CA ARG A 415 23.49 14.45 21.76
C ARG A 415 22.03 14.81 21.48
N GLY A 416 21.10 13.99 21.95
CA GLY A 416 19.66 14.24 21.82
C GLY A 416 19.15 14.17 20.39
N VAL A 417 19.72 13.31 19.56
CA VAL A 417 19.30 13.25 18.15
C VAL A 417 19.12 11.81 17.69
N TRP A 418 18.01 11.52 16.99
CA TRP A 418 17.88 10.20 16.34
C TRP A 418 18.41 10.27 14.94
N LEU A 419 19.52 9.58 14.72
CA LEU A 419 20.11 9.45 13.39
C LEU A 419 20.19 7.96 13.10
N ARG A 420 20.23 7.63 11.82
CA ARG A 420 20.26 6.25 11.41
C ARG A 420 21.15 6.19 10.17
N PRO A 421 22.48 6.11 10.37
CA PRO A 421 23.32 5.97 9.19
C PRO A 421 23.04 4.66 8.42
N PHE A 422 23.32 4.66 7.13
CA PHE A 422 23.33 3.44 6.35
C PHE A 422 24.48 3.50 5.35
N ARG A 423 25.07 2.34 5.10
CA ARG A 423 26.29 2.25 4.30
C ARG A 423 27.31 3.26 4.85
N ASN A 424 27.86 4.10 3.99
CA ASN A 424 28.88 5.07 4.41
C ASN A 424 28.29 6.48 4.60
N LEU A 425 26.98 6.53 4.85
CA LEU A 425 26.26 7.81 4.81
C LEU A 425 25.70 8.23 6.16
N VAL A 426 25.97 9.47 6.54
CA VAL A 426 25.30 10.07 7.69
C VAL A 426 24.47 11.25 7.17
N TYR A 427 23.16 11.24 7.45
CA TYR A 427 22.28 12.20 6.79
C TYR A 427 21.09 12.62 7.63
N ALA A 428 20.50 13.73 7.25
CA ALA A 428 19.32 14.25 7.90
C ALA A 428 18.40 14.89 6.87
N MET A 429 17.10 14.79 7.10
CA MET A 429 16.08 15.48 6.30
C MET A 429 15.10 16.02 7.35
N PRO A 430 15.44 17.15 8.00
CA PRO A 430 14.73 17.48 9.24
C PRO A 430 13.35 18.09 8.98
N PRO A 431 12.45 18.06 9.99
CA PRO A 431 11.17 18.75 9.88
C PRO A 431 11.34 20.22 9.55
N TYR A 432 10.41 20.78 8.77
CA TYR A 432 10.54 22.16 8.31
C TYR A 432 10.42 23.15 9.47
N ILE A 433 9.85 22.67 10.58
CA ILE A 433 9.61 23.48 11.77
C ILE A 433 10.85 23.59 12.67
N CYS A 434 11.95 22.91 12.31
CA CYS A 434 13.13 22.94 13.18
C CYS A 434 13.69 24.35 13.30
N THR A 435 14.00 24.74 14.52
CA THR A 435 14.60 26.06 14.79
C THR A 435 16.10 26.02 14.45
N PRO A 436 16.75 27.20 14.35
CA PRO A 436 18.20 27.20 14.12
C PRO A 436 18.96 26.41 15.20
N ALA A 437 18.55 26.54 16.46
CA ALA A 437 19.18 25.77 17.53
C ALA A 437 19.08 24.27 17.28
N GLU A 438 17.93 23.82 16.77
CA GLU A 438 17.71 22.38 16.58
C GLU A 438 18.56 21.86 15.43
N ILE A 439 18.67 22.68 14.38
CA ILE A 439 19.53 22.35 13.26
C ILE A 439 20.97 22.28 13.73
N THR A 440 21.37 23.19 14.63
CA THR A 440 22.75 23.16 15.17
C THR A 440 23.01 21.86 15.93
N GLN A 441 22.00 21.42 16.69
CA GLN A 441 22.07 20.18 17.44
C GLN A 441 22.20 18.96 16.52
N ILE A 442 21.35 18.93 15.50
CA ILE A 442 21.33 17.83 14.52
C ILE A 442 22.68 17.69 13.82
N THR A 443 23.17 18.80 13.25
CA THR A 443 24.44 18.79 12.52
C THR A 443 25.64 18.46 13.41
N SER A 444 25.61 18.92 14.65
CA SER A 444 26.67 18.60 15.58
C SER A 444 26.72 17.10 15.85
N ALA A 445 25.55 16.48 16.00
CA ALA A 445 25.49 15.03 16.17
C ALA A 445 26.05 14.30 14.92
N MET A 446 25.72 14.80 13.72
CA MET A 446 26.23 14.23 12.44
C MET A 446 27.76 14.35 12.35
N VAL A 447 28.29 15.52 12.70
CA VAL A 447 29.74 15.76 12.59
C VAL A 447 30.45 14.81 13.55
N GLU A 448 29.89 14.66 14.75
CA GLU A 448 30.45 13.76 15.75
C GLU A 448 30.47 12.31 15.27
N VAL A 449 29.37 11.87 14.66
CA VAL A 449 29.32 10.50 14.14
C VAL A 449 30.43 10.31 13.10
N ALA A 450 30.58 11.28 12.20
CA ALA A 450 31.64 11.24 11.18
C ALA A 450 33.04 11.25 11.82
N ARG A 451 33.20 12.01 12.90
N ARG A 451 33.19 12.00 12.90
CA ARG A 451 34.47 12.07 13.63
CA ARG A 451 34.45 12.10 13.63
C ARG A 451 34.82 10.72 14.22
C ARG A 451 34.83 10.76 14.25
N LEU A 452 33.82 10.02 14.70
CA LEU A 452 34.00 8.71 15.30
C LEU A 452 34.32 7.61 14.27
N VAL A 453 33.91 7.81 13.02
CA VAL A 453 34.19 6.85 11.95
C VAL A 453 35.71 6.70 11.73
N GLY A 454 36.39 7.84 11.60
CA GLY A 454 37.80 7.87 11.24
C GLY A 454 38.81 7.96 12.38
N SER A 455 38.46 7.40 13.54
CA SER A 455 39.40 7.32 14.67
C SER A 455 39.40 5.94 15.31
N LEU B 28 -16.56 22.72 -0.38
CA LEU B 28 -17.17 22.22 -1.64
C LEU B 28 -18.60 21.71 -1.46
N THR B 29 -19.50 22.17 -2.33
CA THR B 29 -20.86 21.65 -2.37
C THR B 29 -20.85 20.32 -3.13
N PRO B 30 -21.91 19.48 -2.98
CA PRO B 30 -21.98 18.27 -3.80
C PRO B 30 -21.79 18.52 -5.31
N GLU B 31 -22.37 19.62 -5.81
CA GLU B 31 -22.18 19.98 -7.21
C GLU B 31 -20.72 20.24 -7.56
N GLN B 32 -20.03 20.99 -6.71
CA GLN B 32 -18.61 21.30 -6.93
C GLN B 32 -17.74 20.04 -6.85
N ILE B 33 -18.09 19.13 -5.95
CA ILE B 33 -17.40 17.83 -5.80
C ILE B 33 -17.52 17.01 -7.08
N ILE B 34 -18.75 16.90 -7.60
CA ILE B 34 -18.99 16.18 -8.85
C ILE B 34 -18.16 16.79 -9.99
N ALA B 35 -18.07 18.11 -10.03
CA ALA B 35 -17.33 18.82 -11.08
C ALA B 35 -15.83 18.53 -10.97
N VAL B 36 -15.30 18.64 -9.76
CA VAL B 36 -13.86 18.42 -9.52
C VAL B 36 -13.52 16.95 -9.83
N ASP B 37 -14.36 16.05 -9.32
CA ASP B 37 -14.20 14.63 -9.55
C ASP B 37 -14.19 14.24 -11.04
N GLY B 38 -15.13 14.78 -11.80
CA GLY B 38 -15.17 14.53 -13.24
C GLY B 38 -13.93 15.05 -13.95
N ALA B 39 -13.38 16.17 -13.51
CA ALA B 39 -12.22 16.77 -14.18
C ALA B 39 -10.92 16.06 -13.79
N HIS B 40 -10.81 15.62 -12.54
CA HIS B 40 -9.50 15.31 -11.97
C HIS B 40 -9.27 13.96 -11.35
N LEU B 41 -10.34 13.22 -11.07
CA LEU B 41 -10.20 12.01 -10.30
C LEU B 41 -10.39 10.74 -11.10
N TRP B 42 -9.40 9.85 -11.00
CA TRP B 42 -9.52 8.52 -11.56
CA TRP B 42 -9.47 8.49 -11.54
C TRP B 42 -10.17 7.59 -10.56
N HIS B 43 -11.23 6.92 -10.96
CA HIS B 43 -11.86 5.94 -10.07
C HIS B 43 -11.34 4.54 -10.32
N PRO B 44 -11.52 3.62 -9.36
CA PRO B 44 -11.04 2.23 -9.51
C PRO B 44 -11.65 1.50 -10.72
N TYR B 45 -10.84 0.75 -11.44
CA TYR B 45 -11.32 -0.06 -12.57
C TYR B 45 -12.14 0.75 -13.59
N SER B 46 -11.69 1.97 -13.88
N SER B 46 -11.70 1.97 -13.88
CA SER B 46 -12.49 2.91 -14.67
CA SER B 46 -12.51 2.88 -14.68
C SER B 46 -11.69 3.63 -15.75
C SER B 46 -11.70 3.62 -15.75
N SER B 47 -12.42 4.22 -16.69
CA SER B 47 -11.86 5.11 -17.69
CA SER B 47 -11.82 5.10 -17.68
C SER B 47 -11.95 6.54 -17.18
N ILE B 48 -11.35 7.49 -17.88
CA ILE B 48 -11.54 8.89 -17.56
C ILE B 48 -12.46 9.44 -18.62
N GLY B 49 -13.48 10.18 -18.21
CA GLY B 49 -14.40 10.84 -19.14
C GLY B 49 -15.41 9.99 -19.90
N ARG B 50 -15.40 8.68 -19.69
CA ARG B 50 -16.30 7.78 -20.44
C ARG B 50 -16.93 6.68 -19.58
N GLU B 51 -17.06 6.92 -18.28
CA GLU B 51 -17.76 6.00 -17.39
C GLU B 51 -19.29 6.19 -17.51
N ALA B 52 -20.00 5.07 -17.71
CA ALA B 52 -21.46 5.08 -17.89
C ALA B 52 -22.21 5.75 -16.74
N VAL B 53 -21.85 5.36 -15.51
CA VAL B 53 -22.45 5.94 -14.30
C VAL B 53 -21.49 6.97 -13.69
N SER B 54 -22.04 8.11 -13.27
CA SER B 54 -21.30 9.12 -12.51
C SER B 54 -21.21 8.64 -11.06
N PRO B 55 -20.16 9.07 -10.31
CA PRO B 55 -20.16 8.70 -8.89
C PRO B 55 -21.16 9.51 -8.09
N VAL B 56 -21.69 8.89 -7.04
CA VAL B 56 -22.59 9.55 -6.10
C VAL B 56 -21.73 10.17 -5.00
N VAL B 57 -22.02 11.42 -4.62
CA VAL B 57 -21.30 12.09 -3.52
C VAL B 57 -21.75 11.47 -2.19
N ALA B 58 -20.78 10.99 -1.40
CA ALA B 58 -21.03 10.57 -0.02
C ALA B 58 -20.63 11.71 0.91
N VAL B 59 -21.47 11.99 1.91
CA VAL B 59 -21.20 13.12 2.81
C VAL B 59 -21.05 12.77 4.27
N ALA B 60 -21.52 11.59 4.67
CA ALA B 60 -21.33 11.10 6.04
C ALA B 60 -21.47 9.59 6.12
N ALA B 61 -20.95 9.01 7.20
CA ALA B 61 -21.16 7.59 7.47
C ALA B 61 -21.21 7.36 8.96
N HIS B 62 -22.22 6.64 9.39
CA HIS B 62 -22.41 6.40 10.82
C HIS B 62 -23.12 5.08 11.01
N GLY B 63 -22.52 4.21 11.82
CA GLY B 63 -23.08 2.89 12.03
C GLY B 63 -23.09 2.17 10.69
N ALA B 64 -24.23 1.56 10.35
CA ALA B 64 -24.32 0.78 9.10
C ALA B 64 -24.80 1.62 7.92
N TRP B 65 -24.82 2.94 8.11
CA TRP B 65 -25.49 3.86 7.19
C TRP B 65 -24.59 4.86 6.56
N LEU B 66 -24.81 5.10 5.27
CA LEU B 66 -24.15 6.16 4.54
C LEU B 66 -25.14 7.30 4.25
N THR B 67 -24.68 8.54 4.31
CA THR B 67 -25.45 9.67 3.80
C THR B 67 -24.94 10.04 2.42
N LEU B 68 -25.80 9.84 1.40
CA LEU B 68 -25.45 10.05 0.01
C LEU B 68 -26.32 11.18 -0.56
N ILE B 69 -25.82 11.85 -1.58
CA ILE B 69 -26.59 12.93 -2.20
C ILE B 69 -27.28 12.36 -3.43
N ARG B 70 -28.60 12.51 -3.48
CA ARG B 70 -29.33 12.08 -4.65
C ARG B 70 -30.27 13.19 -5.10
N ASP B 71 -30.12 13.63 -6.34
CA ASP B 71 -30.89 14.75 -6.91
C ASP B 71 -30.80 16.02 -6.05
N GLY B 72 -29.63 16.23 -5.46
CA GLY B 72 -29.38 17.38 -4.59
C GLY B 72 -29.92 17.26 -3.17
N GLN B 73 -30.36 16.06 -2.79
CA GLN B 73 -30.89 15.85 -1.44
C GLN B 73 -30.18 14.70 -0.72
N PRO B 74 -29.82 14.90 0.55
CA PRO B 74 -29.21 13.84 1.35
C PRO B 74 -30.16 12.68 1.60
N ILE B 75 -29.69 11.45 1.44
CA ILE B 75 -30.48 10.26 1.79
C ILE B 75 -29.64 9.30 2.62
N GLU B 76 -30.28 8.58 3.55
CA GLU B 76 -29.64 7.54 4.35
C GLU B 76 -29.74 6.21 3.64
N VAL B 77 -28.61 5.55 3.39
CA VAL B 77 -28.68 4.20 2.82
C VAL B 77 -27.79 3.21 3.58
N LEU B 78 -28.23 1.95 3.65
CA LEU B 78 -27.44 0.90 4.29
C LEU B 78 -26.20 0.55 3.46
N ASP B 79 -25.03 0.50 4.13
CA ASP B 79 -23.77 0.12 3.49
C ASP B 79 -23.72 -1.40 3.42
N ALA B 80 -24.45 -1.98 2.46
CA ALA B 80 -24.58 -3.43 2.35
C ALA B 80 -23.27 -4.14 2.06
N MET B 81 -22.29 -3.40 1.51
CA MET B 81 -20.99 -3.98 1.14
C MET B 81 -19.91 -3.76 2.18
N SER B 82 -20.25 -3.12 3.30
N SER B 82 -20.27 -3.14 3.30
CA SER B 82 -19.29 -2.70 4.33
CA SER B 82 -19.31 -2.68 4.33
C SER B 82 -18.07 -1.97 3.76
C SER B 82 -18.08 -1.99 3.74
N SER B 83 -18.30 -1.12 2.76
CA SER B 83 -17.22 -0.33 2.15
C SER B 83 -16.10 -1.25 1.69
N TRP B 84 -16.51 -2.19 0.84
CA TRP B 84 -15.64 -3.23 0.29
C TRP B 84 -15.07 -4.12 1.34
N TRP B 85 -15.95 -4.63 2.20
N TRP B 85 -15.93 -4.73 2.15
CA TRP B 85 -15.64 -5.65 3.18
CA TRP B 85 -15.53 -5.74 3.16
C TRP B 85 -14.71 -5.20 4.27
C TRP B 85 -14.93 -5.21 4.44
N THR B 86 -14.72 -3.90 4.56
CA THR B 86 -13.88 -3.36 5.64
C THR B 86 -14.62 -3.00 6.95
N ALA B 87 -15.82 -2.43 6.82
CA ALA B 87 -16.46 -1.73 7.93
C ALA B 87 -17.23 -2.73 8.80
N ILE B 88 -16.53 -3.71 9.39
CA ILE B 88 -17.23 -4.83 10.07
C ILE B 88 -18.02 -4.38 11.32
N HIS B 89 -17.56 -3.33 11.96
CA HIS B 89 -18.23 -2.76 13.16
C HIS B 89 -19.02 -1.55 12.81
N GLY B 90 -19.25 -1.35 11.52
CA GLY B 90 -19.89 -0.12 11.03
C GLY B 90 -18.98 1.09 11.14
N HIS B 91 -19.46 2.24 10.68
CA HIS B 91 -18.68 3.48 10.64
C HIS B 91 -18.84 4.25 11.92
N GLY B 92 -17.79 4.96 12.34
CA GLY B 92 -17.88 5.84 13.52
C GLY B 92 -18.20 5.12 14.82
N HIS B 93 -17.69 3.91 14.97
CA HIS B 93 -17.86 3.16 16.21
C HIS B 93 -17.10 3.84 17.32
N PRO B 94 -17.76 4.12 18.47
CA PRO B 94 -17.06 4.88 19.51
C PRO B 94 -15.72 4.30 19.98
N ALA B 95 -15.62 2.96 20.04
CA ALA B 95 -14.38 2.30 20.48
C ALA B 95 -13.24 2.54 19.50
N LEU B 96 -13.55 2.54 18.21
CA LEU B 96 -12.51 2.74 17.19
C LEU B 96 -12.13 4.21 17.07
N ASP B 97 -13.13 5.08 17.09
CA ASP B 97 -12.87 6.53 17.05
C ASP B 97 -11.94 6.90 18.20
N GLN B 98 -12.23 6.36 19.38
CA GLN B 98 -11.43 6.69 20.54
C GLN B 98 -10.05 6.08 20.53
N ALA B 99 -9.91 4.86 20.03
CA ALA B 99 -8.58 4.27 19.91
C ALA B 99 -7.72 5.15 18.99
N LEU B 100 -8.34 5.67 17.93
CA LEU B 100 -7.64 6.54 17.01
C LEU B 100 -7.27 7.90 17.63
N THR B 101 -8.23 8.56 18.27
CA THR B 101 -7.96 9.86 18.85
C THR B 101 -6.93 9.81 20.01
N THR B 102 -6.98 8.75 20.80
CA THR B 102 -6.02 8.48 21.89
C THR B 102 -4.61 8.30 21.34
N GLN B 103 -4.45 7.50 20.28
CA GLN B 103 -3.13 7.34 19.72
C GLN B 103 -2.61 8.66 19.11
N LEU B 104 -3.51 9.38 18.43
CA LEU B 104 -3.19 10.66 17.81
C LEU B 104 -2.61 11.64 18.81
N ARG B 105 -3.09 11.57 20.05
CA ARG B 105 -2.64 12.47 21.11
C ARG B 105 -1.20 12.16 21.53
N VAL B 106 -0.80 10.89 21.38
CA VAL B 106 0.52 10.42 21.81
C VAL B 106 1.62 10.41 20.73
N MET B 107 1.31 9.79 19.58
CA MET B 107 2.32 9.57 18.56
C MET B 107 1.62 9.15 17.27
N ASN B 108 1.60 10.06 16.29
CA ASN B 108 0.98 9.78 15.00
C ASN B 108 1.66 8.64 14.22
N HIS B 109 2.99 8.73 14.13
CA HIS B 109 3.82 7.88 13.31
C HIS B 109 5.25 8.06 13.72
N VAL B 110 6.03 6.98 13.62
N VAL B 110 6.03 7.00 13.58
CA VAL B 110 7.49 7.04 13.68
CA VAL B 110 7.48 7.06 13.66
C VAL B 110 7.97 5.98 12.70
C VAL B 110 7.98 5.96 12.74
N MET B 111 9.17 6.14 12.15
CA MET B 111 9.72 5.08 11.26
C MET B 111 9.95 3.76 12.02
N PHE B 112 9.83 2.63 11.32
CA PHE B 112 9.95 1.30 11.95
C PHE B 112 11.38 0.73 11.81
N GLY B 113 12.29 1.54 11.29
CA GLY B 113 13.70 1.14 11.15
C GLY B 113 14.48 1.50 12.41
N GLY B 114 14.73 0.48 13.24
CA GLY B 114 15.52 0.66 14.45
C GLY B 114 14.67 1.10 15.64
N LEU B 115 13.37 1.29 15.40
CA LEU B 115 12.42 1.66 16.45
C LEU B 115 11.24 0.71 16.43
N THR B 116 10.62 0.55 17.59
CA THR B 116 9.38 -0.20 17.71
C THR B 116 8.43 0.56 18.62
N HIS B 117 7.19 0.09 18.74
CA HIS B 117 6.22 0.81 19.54
C HIS B 117 5.10 -0.08 19.99
N GLU B 118 4.32 0.43 20.94
CA GLU B 118 3.24 -0.31 21.57
C GLU B 118 2.10 -0.77 20.64
N PRO B 119 1.60 0.13 19.74
CA PRO B 119 0.56 -0.35 18.80
C PRO B 119 1.00 -1.53 17.94
N ALA B 120 2.23 -1.49 17.40
CA ALA B 120 2.76 -2.62 16.62
C ALA B 120 2.85 -3.90 17.46
N ALA B 121 3.36 -3.77 18.69
CA ALA B 121 3.53 -4.94 19.57
C ALA B 121 2.19 -5.53 19.97
N ARG B 122 1.26 -4.69 20.40
CA ARG B 122 -0.08 -5.14 20.77
C ARG B 122 -0.78 -5.84 19.60
N LEU B 123 -0.65 -5.27 18.40
CA LEU B 123 -1.31 -5.84 17.23
C LEU B 123 -0.66 -7.15 16.81
N ALA B 124 0.67 -7.22 16.86
CA ALA B 124 1.38 -8.43 16.43
C ALA B 124 1.01 -9.58 17.36
N LYS B 125 0.98 -9.31 18.66
CA LYS B 125 0.59 -10.31 19.65
C LYS B 125 -0.84 -10.79 19.45
N LEU B 126 -1.77 -9.87 19.20
CA LEU B 126 -3.14 -10.27 18.86
C LEU B 126 -3.21 -11.18 17.63
N LEU B 127 -2.54 -10.76 16.55
CA LEU B 127 -2.61 -11.48 15.28
C LEU B 127 -1.98 -12.86 15.36
N VAL B 128 -0.84 -12.96 16.05
CA VAL B 128 -0.24 -14.27 16.27
C VAL B 128 -1.18 -15.19 17.07
N ASP B 129 -1.87 -14.62 18.05
CA ASP B 129 -2.69 -15.43 18.97
C ASP B 129 -3.96 -15.96 18.35
N ILE B 130 -4.49 -15.26 17.35
CA ILE B 130 -5.82 -15.59 16.80
C ILE B 130 -5.80 -16.25 15.41
N THR B 131 -4.66 -16.19 14.74
CA THR B 131 -4.51 -16.80 13.41
C THR B 131 -4.22 -18.28 13.60
N PRO B 132 -4.31 -19.07 12.51
CA PRO B 132 -4.06 -20.51 12.62
C PRO B 132 -2.72 -20.81 13.27
N ALA B 133 -2.67 -21.92 14.00
CA ALA B 133 -1.53 -22.24 14.85
C ALA B 133 -0.22 -22.19 14.08
N GLY B 134 0.81 -21.62 14.68
CA GLY B 134 2.16 -21.66 14.09
C GLY B 134 2.57 -20.43 13.29
N LEU B 135 1.62 -19.55 12.99
CA LEU B 135 1.96 -18.27 12.38
C LEU B 135 2.43 -17.36 13.51
N ASP B 136 3.75 -17.23 13.63
CA ASP B 136 4.44 -16.65 14.78
C ASP B 136 5.11 -15.32 14.47
N THR B 137 5.17 -14.93 13.21
CA THR B 137 5.85 -13.66 12.87
C THR B 137 4.98 -12.79 11.97
N VAL B 138 5.07 -11.48 12.13
CA VAL B 138 4.15 -10.56 11.45
C VAL B 138 4.95 -9.47 10.73
N PHE B 139 4.69 -9.31 9.43
CA PHE B 139 5.31 -8.23 8.66
C PHE B 139 4.18 -7.27 8.26
N PHE B 140 4.20 -6.04 8.77
CA PHE B 140 3.12 -5.08 8.42
C PHE B 140 3.42 -4.40 7.09
N SER B 141 2.38 -4.10 6.32
CA SER B 141 2.54 -3.28 5.10
C SER B 141 1.28 -2.43 4.95
N ASP B 142 1.18 -1.68 3.87
CA ASP B 142 0.12 -0.66 3.78
C ASP B 142 -1.14 -1.08 3.05
N SER B 143 -1.09 -2.18 2.29
CA SER B 143 -2.25 -2.63 1.53
C SER B 143 -2.24 -4.13 1.21
N GLY B 144 -3.41 -4.63 0.81
CA GLY B 144 -3.57 -6.04 0.50
C GLY B 144 -2.61 -6.53 -0.59
N SER B 145 -2.48 -5.76 -1.67
CA SER B 145 -1.64 -6.20 -2.82
C SER B 145 -0.20 -6.28 -2.37
N VAL B 146 0.22 -5.32 -1.56
CA VAL B 146 1.59 -5.36 -1.02
C VAL B 146 1.80 -6.59 -0.11
N SER B 147 0.83 -6.91 0.73
CA SER B 147 1.02 -8.05 1.62
C SER B 147 1.13 -9.36 0.82
N VAL B 148 0.47 -9.41 -0.34
CA VAL B 148 0.62 -10.55 -1.27
C VAL B 148 2.02 -10.63 -1.85
N GLU B 149 2.54 -9.48 -2.29
CA GLU B 149 3.93 -9.42 -2.78
C GLU B 149 4.93 -9.85 -1.71
N VAL B 150 4.71 -9.40 -0.46
CA VAL B 150 5.55 -9.81 0.68
C VAL B 150 5.45 -11.35 0.93
N ALA B 151 4.26 -11.92 0.82
CA ALA B 151 4.09 -13.36 0.95
C ALA B 151 4.92 -14.09 -0.12
N ALA B 152 4.87 -13.59 -1.37
CA ALA B 152 5.63 -14.22 -2.47
C ALA B 152 7.13 -14.10 -2.23
N LYS B 153 7.56 -12.93 -1.73
CA LYS B 153 8.96 -12.68 -1.43
C LYS B 153 9.48 -13.61 -0.32
N MET B 154 8.67 -13.77 0.73
CA MET B 154 8.95 -14.72 1.80
C MET B 154 9.15 -16.12 1.26
N ALA B 155 8.23 -16.54 0.39
CA ALA B 155 8.29 -17.88 -0.20
C ALA B 155 9.53 -18.05 -1.07
N LEU B 156 9.85 -17.06 -1.90
CA LEU B 156 11.03 -17.14 -2.77
C LEU B 156 12.33 -17.09 -1.98
N GLN B 157 12.41 -16.18 -1.01
CA GLN B 157 13.60 -16.14 -0.14
C GLN B 157 13.78 -17.37 0.72
N TYR B 158 12.68 -17.99 1.11
CA TYR B 158 12.76 -19.21 1.90
C TYR B 158 13.54 -20.29 1.11
N TRP B 159 13.15 -20.53 -0.14
CA TRP B 159 13.81 -21.58 -0.91
C TRP B 159 15.21 -21.21 -1.27
N ARG B 160 15.43 -19.93 -1.58
CA ARG B 160 16.78 -19.39 -1.78
C ARG B 160 17.66 -19.65 -0.54
N GLY B 161 17.08 -19.45 0.64
CA GLY B 161 17.74 -19.78 1.90
C GLY B 161 18.06 -21.26 2.11
N ARG B 162 17.28 -22.14 1.48
CA ARG B 162 17.52 -23.61 1.49
C ARG B 162 18.43 -24.04 0.34
N GLY B 163 18.95 -23.09 -0.43
CA GLY B 163 19.77 -23.37 -1.59
C GLY B 163 19.04 -24.03 -2.75
N LEU B 164 17.73 -23.72 -2.86
CA LEU B 164 16.91 -24.22 -3.94
C LEU B 164 16.24 -23.09 -4.74
N PRO B 165 17.04 -22.23 -5.43
CA PRO B 165 16.49 -21.04 -6.07
C PRO B 165 15.62 -21.34 -7.28
N GLY B 166 15.61 -22.59 -7.75
CA GLY B 166 14.71 -23.00 -8.83
C GLY B 166 13.24 -23.10 -8.43
N LYS B 167 12.98 -23.14 -7.14
CA LYS B 167 11.62 -23.11 -6.63
C LYS B 167 11.19 -21.63 -6.58
N ARG B 168 10.69 -21.16 -7.70
CA ARG B 168 10.38 -19.73 -7.81
C ARG B 168 9.04 -19.44 -8.47
N ARG B 169 8.37 -20.48 -8.95
CA ARG B 169 7.02 -20.32 -9.51
C ARG B 169 5.96 -20.48 -8.43
N LEU B 170 4.77 -19.96 -8.75
CA LEU B 170 3.62 -20.08 -7.86
C LEU B 170 2.56 -20.93 -8.55
N MET B 171 1.78 -21.64 -7.75
CA MET B 171 0.66 -22.41 -8.27
C MET B 171 -0.61 -21.95 -7.61
N THR B 172 -1.69 -21.91 -8.38
CA THR B 172 -2.99 -21.62 -7.80
C THR B 172 -4.05 -22.34 -8.61
N TRP B 173 -5.30 -22.20 -8.20
CA TRP B 173 -6.42 -22.67 -9.00
C TRP B 173 -7.06 -21.51 -9.70
N ARG B 174 -7.81 -21.80 -10.74
CA ARG B 174 -8.52 -20.73 -11.46
C ARG B 174 -9.63 -20.12 -10.61
N GLY B 175 -10.12 -18.95 -11.04
CA GLY B 175 -11.18 -18.21 -10.34
C GLY B 175 -10.66 -17.29 -9.25
N GLY B 176 -9.34 -17.18 -9.13
CA GLY B 176 -8.74 -16.39 -8.05
C GLY B 176 -8.46 -14.94 -8.38
N TYR B 177 -8.25 -14.17 -7.31
CA TYR B 177 -7.85 -12.76 -7.37
C TYR B 177 -7.05 -12.43 -6.13
N HIS B 178 -5.94 -11.70 -6.32
CA HIS B 178 -5.02 -11.36 -5.24
C HIS B 178 -4.46 -9.93 -5.29
N GLY B 179 -5.09 -9.08 -6.09
CA GLY B 179 -4.74 -7.66 -6.12
C GLY B 179 -4.19 -7.24 -7.46
N ASP B 180 -3.68 -6.03 -7.50
CA ASP B 180 -3.45 -5.34 -8.78
C ASP B 180 -2.00 -4.97 -9.07
N THR B 181 -1.09 -5.22 -8.12
CA THR B 181 0.34 -5.04 -8.40
C THR B 181 0.80 -6.20 -9.31
N PHE B 182 1.93 -6.02 -10.00
CA PHE B 182 2.28 -6.96 -11.08
C PHE B 182 2.50 -8.40 -10.70
N LEU B 183 3.06 -8.68 -9.52
CA LEU B 183 3.17 -10.10 -9.11
C LEU B 183 1.80 -10.67 -8.70
N ALA B 184 1.03 -9.89 -7.95
CA ALA B 184 -0.33 -10.28 -7.57
C ALA B 184 -1.16 -10.60 -8.82
N MET B 185 -0.98 -9.82 -9.89
CA MET B 185 -1.80 -10.00 -11.09
C MET B 185 -1.49 -11.35 -11.70
N SER B 186 -0.26 -11.83 -11.50
CA SER B 186 0.19 -13.07 -12.16
C SER B 186 -0.55 -14.30 -11.66
N ILE B 187 -1.23 -14.19 -10.52
CA ILE B 187 -2.02 -15.30 -10.01
C ILE B 187 -3.52 -15.04 -10.07
N CYS B 188 -3.91 -13.94 -10.71
CA CYS B 188 -5.33 -13.72 -11.04
C CYS B 188 -5.70 -14.70 -12.16
N ASP B 189 -6.96 -15.15 -12.19
CA ASP B 189 -7.45 -16.01 -13.27
C ASP B 189 -7.11 -15.46 -14.68
N PRO B 190 -6.34 -16.23 -15.49
CA PRO B 190 -5.77 -15.69 -16.75
C PRO B 190 -6.72 -15.54 -17.93
N HIS B 191 -7.84 -16.26 -17.93
CA HIS B 191 -8.78 -16.19 -19.03
C HIS B 191 -10.14 -16.00 -18.47
N GLY B 192 -10.40 -14.80 -17.97
CA GLY B 192 -11.68 -14.52 -17.31
C GLY B 192 -11.52 -13.60 -16.12
N GLY B 193 -10.30 -13.54 -15.58
CA GLY B 193 -9.99 -12.62 -14.48
C GLY B 193 -9.77 -11.22 -15.01
N MET B 194 -9.82 -10.23 -14.13
CA MET B 194 -9.74 -8.83 -14.56
C MET B 194 -8.41 -8.45 -15.24
N HIS B 195 -7.35 -9.21 -14.98
CA HIS B 195 -6.03 -8.86 -15.57
C HIS B 195 -5.69 -9.68 -16.79
N SER B 196 -6.71 -10.26 -17.44
CA SER B 196 -6.55 -11.19 -18.58
C SER B 196 -5.77 -10.64 -19.78
N LEU B 197 -5.86 -9.33 -20.02
CA LEU B 197 -5.19 -8.70 -21.17
C LEU B 197 -3.69 -8.57 -20.96
N TRP B 198 -3.24 -8.73 -19.71
CA TRP B 198 -1.84 -8.50 -19.33
C TRP B 198 -0.97 -9.73 -19.37
N THR B 199 -1.57 -10.89 -19.60
CA THR B 199 -0.86 -12.14 -19.35
C THR B 199 0.49 -12.24 -20.07
N ASP B 200 0.60 -11.59 -21.22
CA ASP B 200 1.84 -11.53 -21.99
C ASP B 200 3.05 -10.84 -21.29
N VAL B 201 2.80 -9.94 -20.34
CA VAL B 201 3.89 -9.31 -19.57
C VAL B 201 4.04 -9.82 -18.13
N LEU B 202 3.18 -10.73 -17.71
CA LEU B 202 3.22 -11.23 -16.33
C LEU B 202 4.04 -12.52 -16.21
N ALA B 203 4.56 -12.75 -15.01
CA ALA B 203 5.19 -14.02 -14.66
C ALA B 203 4.22 -15.15 -14.96
N ALA B 204 4.72 -16.23 -15.58
CA ALA B 204 3.88 -17.35 -15.97
C ALA B 204 3.79 -18.33 -14.80
N GLN B 205 2.60 -18.41 -14.20
CA GLN B 205 2.39 -19.26 -13.04
C GLN B 205 1.65 -20.52 -13.43
N VAL B 206 1.49 -21.42 -12.49
CA VAL B 206 0.83 -22.71 -12.74
C VAL B 206 -0.62 -22.64 -12.26
N PHE B 207 -1.57 -22.96 -13.16
CA PHE B 207 -3.00 -22.91 -12.82
C PHE B 207 -3.65 -24.28 -12.92
N ALA B 208 -4.24 -24.71 -11.81
CA ALA B 208 -5.17 -25.84 -11.79
C ALA B 208 -6.57 -25.36 -12.20
N PRO B 209 -7.46 -26.31 -12.60
CA PRO B 209 -8.82 -25.90 -12.96
C PRO B 209 -9.57 -25.22 -11.82
N GLN B 210 -10.68 -24.58 -12.15
CA GLN B 210 -11.56 -23.98 -11.16
C GLN B 210 -11.89 -25.01 -10.07
N VAL B 211 -11.68 -24.65 -8.81
CA VAL B 211 -12.12 -25.51 -7.71
C VAL B 211 -13.66 -25.58 -7.64
N PRO B 212 -14.21 -26.81 -7.61
CA PRO B 212 -15.68 -26.96 -7.56
C PRO B 212 -16.25 -26.56 -6.19
N ARG B 213 -17.55 -26.28 -6.16
N ARG B 213 -17.55 -26.26 -6.15
CA ARG B 213 -18.24 -26.01 -4.89
CA ARG B 213 -18.21 -26.02 -4.87
C ARG B 213 -18.33 -27.26 -4.01
C ARG B 213 -18.26 -27.29 -4.01
N ASP B 214 -18.75 -28.38 -4.59
CA ASP B 214 -18.89 -29.64 -3.82
C ASP B 214 -17.56 -30.38 -3.78
N TYR B 215 -17.31 -31.08 -2.69
CA TYR B 215 -16.07 -31.85 -2.56
C TYR B 215 -16.04 -33.05 -3.51
N ASP B 216 -15.00 -33.09 -4.34
CA ASP B 216 -14.78 -34.21 -5.25
C ASP B 216 -13.33 -34.65 -5.13
N PRO B 217 -13.10 -35.85 -4.54
CA PRO B 217 -11.73 -36.35 -4.35
C PRO B 217 -10.92 -36.34 -5.65
N ALA B 218 -11.58 -36.51 -6.80
CA ALA B 218 -10.91 -36.52 -8.08
C ALA B 218 -10.26 -35.17 -8.40
N TYR B 219 -10.91 -34.09 -7.97
CA TYR B 219 -10.30 -32.75 -8.14
C TYR B 219 -8.94 -32.68 -7.42
N SER B 220 -8.91 -33.10 -6.16
CA SER B 220 -7.69 -33.07 -5.36
C SER B 220 -6.59 -33.96 -5.94
N ALA B 221 -6.96 -35.14 -6.44
CA ALA B 221 -5.99 -36.03 -7.09
C ALA B 221 -5.36 -35.34 -8.32
N ALA B 222 -6.19 -34.67 -9.10
CA ALA B 222 -5.72 -34.00 -10.31
C ALA B 222 -4.80 -32.81 -9.97
N PHE B 223 -5.16 -32.08 -8.91
CA PHE B 223 -4.32 -30.99 -8.40
C PHE B 223 -2.94 -31.56 -8.00
N GLU B 224 -2.94 -32.66 -7.26
CA GLU B 224 -1.68 -33.29 -6.81
C GLU B 224 -0.84 -33.75 -7.98
N ALA B 225 -1.47 -34.38 -8.97
CA ALA B 225 -0.77 -34.88 -10.15
C ALA B 225 -0.11 -33.71 -10.90
N GLN B 226 -0.80 -32.57 -10.96
CA GLN B 226 -0.27 -31.38 -11.65
C GLN B 226 0.86 -30.73 -10.86
N LEU B 227 0.66 -30.57 -9.55
CA LEU B 227 1.68 -30.02 -8.66
C LEU B 227 2.96 -30.88 -8.67
N ALA B 228 2.77 -32.20 -8.69
CA ALA B 228 3.90 -33.15 -8.71
C ALA B 228 4.81 -32.90 -9.92
N GLN B 229 4.22 -32.65 -11.09
CA GLN B 229 4.97 -32.37 -12.31
C GLN B 229 5.86 -31.13 -12.17
N HIS B 230 5.43 -30.20 -11.33
CA HIS B 230 6.11 -28.90 -11.17
C HIS B 230 6.82 -28.69 -9.85
N ALA B 231 6.83 -29.70 -8.97
CA ALA B 231 7.27 -29.46 -7.58
C ALA B 231 8.64 -28.78 -7.44
N GLY B 232 9.61 -29.22 -8.27
CA GLY B 232 10.97 -28.69 -8.23
C GLY B 232 11.08 -27.24 -8.68
N GLU B 233 10.03 -26.70 -9.29
CA GLU B 233 10.06 -25.29 -9.71
C GLU B 233 9.06 -24.43 -8.95
N LEU B 234 8.35 -25.02 -8.00
CA LEU B 234 7.32 -24.30 -7.23
C LEU B 234 7.78 -23.86 -5.85
N ALA B 235 7.68 -22.55 -5.60
CA ALA B 235 7.89 -22.02 -4.25
C ALA B 235 6.66 -22.23 -3.37
N ALA B 236 5.48 -22.04 -3.92
CA ALA B 236 4.28 -22.08 -3.09
C ALA B 236 3.01 -22.27 -3.90
N VAL B 237 2.01 -22.81 -3.24
CA VAL B 237 0.60 -22.75 -3.68
C VAL B 237 0.00 -21.54 -2.94
N VAL B 238 -0.68 -20.67 -3.70
N VAL B 238 -0.71 -20.69 -3.68
CA VAL B 238 -1.36 -19.52 -3.10
CA VAL B 238 -1.35 -19.53 -3.07
C VAL B 238 -2.81 -19.60 -3.51
C VAL B 238 -2.80 -19.50 -3.50
N VAL B 239 -3.72 -19.55 -2.54
CA VAL B 239 -5.17 -19.59 -2.81
C VAL B 239 -5.96 -18.73 -1.81
N GLU B 240 -7.16 -18.31 -2.21
CA GLU B 240 -8.15 -17.77 -1.26
C GLU B 240 -8.88 -18.97 -0.64
N PRO B 241 -8.84 -19.11 0.70
CA PRO B 241 -9.50 -20.27 1.33
C PRO B 241 -11.02 -20.11 1.42
N VAL B 242 -11.75 -21.13 0.98
CA VAL B 242 -13.22 -21.23 1.10
C VAL B 242 -14.00 -20.28 0.18
N VAL B 243 -13.64 -18.99 0.15
CA VAL B 243 -14.37 -17.98 -0.63
C VAL B 243 -13.44 -17.29 -1.62
N GLN B 244 -13.79 -17.35 -2.89
CA GLN B 244 -13.06 -16.61 -3.91
C GLN B 244 -13.90 -15.39 -4.19
N GLY B 245 -13.37 -14.19 -3.95
CA GLY B 245 -14.19 -12.99 -4.05
C GLY B 245 -14.33 -12.42 -5.46
N ALA B 246 -13.38 -11.58 -5.84
CA ALA B 246 -13.45 -10.84 -7.11
C ALA B 246 -13.58 -11.75 -8.31
N GLY B 247 -13.13 -12.98 -8.17
CA GLY B 247 -13.20 -13.97 -9.24
C GLY B 247 -14.58 -14.54 -9.48
N GLY B 248 -15.52 -14.28 -8.57
CA GLY B 248 -16.90 -14.70 -8.79
C GLY B 248 -17.73 -15.04 -7.54
N MET B 249 -17.29 -14.59 -6.36
CA MET B 249 -17.98 -14.86 -5.08
C MET B 249 -18.39 -16.33 -4.99
N ARG B 250 -17.43 -17.22 -5.28
CA ARG B 250 -17.64 -18.65 -5.37
C ARG B 250 -17.22 -19.28 -4.06
N PHE B 251 -17.97 -20.28 -3.59
CA PHE B 251 -17.59 -20.97 -2.35
C PHE B 251 -17.12 -22.38 -2.68
N HIS B 252 -16.13 -22.88 -1.94
CA HIS B 252 -15.73 -24.29 -2.06
C HIS B 252 -15.69 -25.00 -0.74
N ASP B 253 -15.76 -26.32 -0.79
CA ASP B 253 -15.78 -27.15 0.42
C ASP B 253 -14.44 -27.01 1.15
N PRO B 254 -14.49 -26.73 2.47
CA PRO B 254 -13.22 -26.57 3.22
C PRO B 254 -12.30 -27.79 3.18
N ARG B 255 -12.84 -28.98 2.90
CA ARG B 255 -11.98 -30.17 2.81
C ARG B 255 -10.88 -30.04 1.75
N TYR B 256 -11.14 -29.27 0.69
CA TYR B 256 -10.09 -28.99 -0.29
C TYR B 256 -8.84 -28.38 0.34
N LEU B 257 -9.00 -27.58 1.39
CA LEU B 257 -7.85 -26.96 2.05
C LEU B 257 -7.03 -28.00 2.82
N HIS B 258 -7.72 -28.98 3.38
CA HIS B 258 -7.05 -30.10 4.03
C HIS B 258 -6.18 -30.82 3.02
N ASP B 259 -6.75 -31.12 1.85
CA ASP B 259 -5.99 -31.74 0.76
C ASP B 259 -4.80 -30.88 0.32
N LEU B 260 -5.02 -29.57 0.16
CA LEU B 260 -3.92 -28.67 -0.19
C LEU B 260 -2.79 -28.73 0.85
N ARG B 261 -3.15 -28.73 2.13
CA ARG B 261 -2.16 -28.82 3.21
C ARG B 261 -1.36 -30.13 3.11
N ASP B 262 -2.08 -31.23 2.95
CA ASP B 262 -1.49 -32.56 2.78
C ASP B 262 -0.54 -32.59 1.56
N ILE B 263 -1.03 -32.15 0.40
CA ILE B 263 -0.25 -32.11 -0.83
C ILE B 263 1.03 -31.27 -0.71
N CYS B 264 0.90 -30.08 -0.12
CA CYS B 264 2.02 -29.16 -0.01
C CYS B 264 3.07 -29.74 0.96
N ARG B 265 2.60 -30.35 2.04
CA ARG B 265 3.50 -30.98 3.00
C ARG B 265 4.28 -32.12 2.33
N ARG B 266 3.58 -32.96 1.58
CA ARG B 266 4.22 -34.14 0.98
C ARG B 266 5.14 -33.83 -0.18
N TYR B 267 4.93 -32.71 -0.86
CA TYR B 267 5.80 -32.32 -1.99
C TYR B 267 6.75 -31.17 -1.68
N GLU B 268 6.76 -30.72 -0.42
CA GLU B 268 7.65 -29.64 0.02
C GLU B 268 7.44 -28.40 -0.86
N VAL B 269 6.17 -27.99 -0.89
CA VAL B 269 5.76 -26.73 -1.48
C VAL B 269 5.14 -25.93 -0.33
N LEU B 270 5.46 -24.64 -0.22
CA LEU B 270 4.87 -23.83 0.84
C LEU B 270 3.39 -23.54 0.50
N LEU B 271 2.57 -23.39 1.53
CA LEU B 271 1.16 -23.06 1.31
C LEU B 271 0.88 -21.68 1.83
N ILE B 272 0.30 -20.83 0.98
CA ILE B 272 -0.03 -19.45 1.33
C ILE B 272 -1.54 -19.28 1.22
N PHE B 273 -2.18 -18.80 2.29
CA PHE B 273 -3.60 -18.47 2.25
C PHE B 273 -3.75 -16.97 2.24
N ASP B 274 -4.49 -16.48 1.26
CA ASP B 274 -4.75 -15.07 1.18
C ASP B 274 -6.10 -14.83 1.82
N GLU B 275 -6.09 -14.28 3.02
CA GLU B 275 -7.32 -14.05 3.79
C GLU B 275 -7.70 -12.58 3.88
N ILE B 276 -7.29 -11.82 2.87
CA ILE B 276 -7.52 -10.40 2.89
C ILE B 276 -9.05 -10.10 2.86
N ALA B 277 -9.82 -10.87 2.08
CA ALA B 277 -11.29 -10.76 2.07
C ALA B 277 -11.98 -11.61 3.15
N THR B 278 -11.40 -12.76 3.46
CA THR B 278 -12.12 -13.78 4.28
C THR B 278 -11.93 -13.64 5.81
N GLY B 279 -10.97 -12.83 6.23
CA GLY B 279 -10.54 -12.76 7.62
C GLY B 279 -11.51 -12.10 8.58
N PHE B 280 -11.26 -12.28 9.87
CA PHE B 280 -11.97 -11.55 10.93
C PHE B 280 -13.48 -11.84 10.99
N GLY B 281 -13.82 -13.12 10.84
CA GLY B 281 -15.16 -13.60 11.10
C GLY B 281 -16.09 -13.66 9.92
N ARG B 282 -15.68 -13.07 8.79
CA ARG B 282 -16.60 -12.86 7.70
C ARG B 282 -17.32 -14.14 7.22
N THR B 283 -16.59 -15.26 7.12
CA THR B 283 -17.17 -16.52 6.61
C THR B 283 -17.82 -17.38 7.69
N GLY B 284 -17.92 -16.85 8.90
CA GLY B 284 -18.49 -17.64 10.01
C GLY B 284 -17.43 -18.30 10.89
N ALA B 285 -16.19 -18.35 10.43
CA ALA B 285 -15.06 -18.73 11.30
C ALA B 285 -14.17 -17.51 11.46
N LEU B 286 -13.30 -17.50 12.47
CA LEU B 286 -12.47 -16.31 12.69
C LEU B 286 -11.63 -16.02 11.43
N PHE B 287 -10.99 -17.07 10.92
CA PHE B 287 -10.39 -17.05 9.59
C PHE B 287 -10.92 -18.25 8.84
N ALA B 288 -11.04 -18.11 7.52
CA ALA B 288 -11.61 -19.18 6.71
C ALA B 288 -10.85 -20.50 6.80
N ALA B 289 -9.52 -20.42 6.96
CA ALA B 289 -8.67 -21.62 7.18
C ALA B 289 -9.23 -22.47 8.32
N ASP B 290 -9.83 -21.80 9.31
CA ASP B 290 -10.35 -22.47 10.51
C ASP B 290 -11.46 -23.47 10.22
N HIS B 291 -12.18 -23.26 9.11
CA HIS B 291 -13.22 -24.19 8.65
C HIS B 291 -12.66 -25.54 8.34
N ALA B 292 -11.35 -25.60 8.10
CA ALA B 292 -10.69 -26.86 7.81
C ALA B 292 -9.66 -27.22 8.86
N GLY B 293 -9.49 -26.36 9.87
CA GLY B 293 -8.48 -26.52 10.92
C GLY B 293 -7.05 -26.54 10.40
N VAL B 294 -6.84 -25.86 9.28
CA VAL B 294 -5.57 -25.91 8.55
C VAL B 294 -4.70 -24.70 8.87
N SER B 295 -3.39 -24.91 8.99
CA SER B 295 -2.44 -23.81 9.08
C SER B 295 -1.63 -23.71 7.79
N PRO B 296 -1.64 -22.53 7.13
CA PRO B 296 -0.74 -22.34 5.99
C PRO B 296 0.65 -22.01 6.51
N ASP B 297 1.65 -21.99 5.63
CA ASP B 297 2.98 -21.50 6.03
C ASP B 297 3.06 -19.99 6.08
N ILE B 298 2.25 -19.33 5.24
CA ILE B 298 2.27 -17.88 5.11
C ILE B 298 0.82 -17.43 4.92
N MET B 299 0.44 -16.32 5.53
CA MET B 299 -0.94 -15.84 5.48
C MET B 299 -1.01 -14.32 5.27
N CYS B 300 -1.90 -13.85 4.39
CA CYS B 300 -2.11 -12.42 4.25
C CYS B 300 -3.45 -12.01 4.85
N VAL B 301 -3.46 -10.85 5.49
CA VAL B 301 -4.68 -10.27 6.04
C VAL B 301 -4.70 -8.77 5.74
N GLY B 302 -5.91 -8.19 5.72
CA GLY B 302 -6.07 -6.74 5.55
C GLY B 302 -7.55 -6.42 5.70
N LYS B 303 -8.04 -5.47 4.90
CA LYS B 303 -9.45 -5.07 4.89
C LYS B 303 -10.08 -4.90 6.26
N ALA B 304 -10.83 -5.91 6.72
CA ALA B 304 -11.50 -5.83 8.03
C ALA B 304 -10.53 -5.70 9.22
N LEU B 305 -9.25 -6.03 9.00
CA LEU B 305 -8.20 -5.77 10.00
C LEU B 305 -8.32 -4.42 10.71
N THR B 306 -8.53 -3.33 9.96
CA THR B 306 -8.57 -2.01 10.56
C THR B 306 -9.97 -1.54 10.93
N GLY B 307 -10.98 -2.40 10.76
CA GLY B 307 -12.37 -1.98 10.94
C GLY B 307 -12.82 -0.99 9.88
N GLY B 308 -12.06 -0.94 8.79
CA GLY B 308 -12.37 -0.04 7.69
C GLY B 308 -12.08 1.41 7.97
N TYR B 309 -11.16 1.69 8.89
CA TYR B 309 -10.78 3.07 9.16
C TYR B 309 -9.64 3.55 8.26
N LEU B 310 -8.61 2.73 8.18
CA LEU B 310 -7.32 3.16 7.64
C LEU B 310 -6.70 2.01 6.87
N SER B 311 -5.81 2.29 5.92
CA SER B 311 -5.17 1.21 5.17
CA SER B 311 -5.17 1.21 5.16
C SER B 311 -4.12 0.52 6.05
N LEU B 312 -4.21 -0.81 6.15
CA LEU B 312 -3.20 -1.63 6.82
C LEU B 312 -3.36 -3.06 6.31
N ALA B 313 -2.25 -3.76 6.21
CA ALA B 313 -2.26 -5.19 5.90
C ALA B 313 -1.13 -5.86 6.65
N ALA B 314 -1.17 -7.18 6.73
CA ALA B 314 -0.09 -7.92 7.39
C ALA B 314 0.14 -9.26 6.66
N THR B 315 1.37 -9.76 6.74
CA THR B 315 1.71 -11.05 6.18
C THR B 315 2.33 -11.76 7.36
N LEU B 316 1.75 -12.90 7.72
CA LEU B 316 2.27 -13.76 8.79
C LEU B 316 3.00 -14.97 8.23
N CYS B 317 4.02 -15.43 8.94
CA CYS B 317 4.67 -16.68 8.53
C CYS B 317 5.16 -17.42 9.76
N THR B 318 5.46 -18.70 9.55
CA THR B 318 5.91 -19.57 10.62
C THR B 318 7.32 -19.24 11.06
N ALA B 319 7.66 -19.69 12.27
CA ALA B 319 9.02 -19.56 12.78
C ALA B 319 10.04 -20.21 11.82
N ASP B 320 9.74 -21.40 11.30
CA ASP B 320 10.65 -22.02 10.32
C ASP B 320 10.94 -21.14 9.09
N VAL B 321 9.88 -20.58 8.49
CA VAL B 321 10.05 -19.73 7.31
C VAL B 321 10.92 -18.52 7.65
N ALA B 322 10.62 -17.86 8.77
CA ALA B 322 11.35 -16.66 9.19
C ALA B 322 12.84 -16.95 9.41
N HIS B 323 13.11 -18.08 10.07
CA HIS B 323 14.48 -18.43 10.44
C HIS B 323 15.28 -18.83 9.23
N THR B 324 14.63 -19.53 8.29
CA THR B 324 15.29 -19.95 7.06
C THR B 324 15.64 -18.76 6.16
N ILE B 325 14.73 -17.78 6.07
CA ILE B 325 15.04 -16.53 5.37
C ILE B 325 16.21 -15.84 6.07
N SER B 326 16.12 -15.75 7.40
CA SER B 326 17.08 -15.00 8.22
C SER B 326 18.47 -15.64 8.25
N ALA B 327 18.52 -16.96 8.12
CA ALA B 327 19.78 -17.71 8.15
C ALA B 327 20.35 -17.99 6.75
N GLY B 328 19.70 -17.43 5.73
CA GLY B 328 20.16 -17.57 4.35
C GLY B 328 21.15 -16.48 3.94
N ALA B 329 21.63 -16.56 2.69
CA ALA B 329 22.68 -15.67 2.18
C ALA B 329 22.35 -14.19 2.30
N ALA B 330 21.06 -13.87 2.17
CA ALA B 330 20.54 -12.51 2.31
C ALA B 330 20.61 -12.04 3.76
N GLY B 331 20.37 -12.97 4.69
CA GLY B 331 20.39 -12.64 6.11
C GLY B 331 19.23 -11.78 6.57
N ALA B 332 18.41 -11.34 5.62
CA ALA B 332 17.28 -10.45 5.93
C ALA B 332 16.17 -10.54 4.87
N LEU B 333 14.95 -10.19 5.27
CA LEU B 333 13.84 -10.08 4.32
C LEU B 333 13.90 -8.71 3.68
N MET B 334 14.12 -8.72 2.37
CA MET B 334 14.40 -7.52 1.58
C MET B 334 13.16 -6.65 1.26
N HIS B 335 12.52 -6.14 2.31
CA HIS B 335 11.25 -5.40 2.21
C HIS B 335 11.05 -4.52 3.40
N GLY B 336 10.49 -3.34 3.17
CA GLY B 336 10.23 -2.41 4.25
C GLY B 336 9.60 -1.11 3.80
N PRO B 337 8.26 -1.05 3.81
CA PRO B 337 7.49 0.12 3.39
C PRO B 337 7.67 1.34 4.30
N THR B 338 7.54 2.56 3.73
CA THR B 338 7.68 3.83 4.49
C THR B 338 6.90 3.89 5.79
N PHE B 339 5.59 3.69 5.69
CA PHE B 339 4.68 3.79 6.83
C PHE B 339 4.45 2.45 7.49
N MET B 340 5.42 1.55 7.34
CA MET B 340 5.35 0.24 7.92
C MET B 340 4.99 0.36 9.39
N ALA B 341 3.97 -0.41 9.77
CA ALA B 341 3.46 -0.50 11.15
C ALA B 341 3.07 0.86 11.72
N ASN B 342 2.45 1.69 10.87
CA ASN B 342 1.95 3.02 11.28
C ASN B 342 1.18 2.94 12.61
N PRO B 343 1.63 3.69 13.65
CA PRO B 343 0.97 3.66 14.97
C PRO B 343 -0.55 3.89 14.91
N LEU B 344 -1.00 4.88 14.12
CA LEU B 344 -2.45 5.17 14.03
C LEU B 344 -3.23 3.98 13.49
N ALA B 345 -2.77 3.44 12.36
CA ALA B 345 -3.44 2.28 11.76
C ALA B 345 -3.38 1.06 12.67
N CYS B 346 -2.23 0.83 13.32
CA CYS B 346 -2.10 -0.28 14.26
C CYS B 346 -3.04 -0.14 15.45
N ALA B 347 -3.08 1.08 15.99
CA ALA B 347 -3.95 1.38 17.13
C ALA B 347 -5.44 1.13 16.86
N VAL B 348 -5.96 1.60 15.73
CA VAL B 348 -7.37 1.35 15.39
C VAL B 348 -7.63 -0.15 15.13
N SER B 349 -6.66 -0.83 14.51
CA SER B 349 -6.76 -2.27 14.28
CA SER B 349 -6.76 -2.27 14.28
C SER B 349 -6.81 -3.07 15.59
N VAL B 350 -5.98 -2.69 16.58
CA VAL B 350 -6.00 -3.33 17.92
C VAL B 350 -7.43 -3.26 18.49
N ALA B 351 -7.98 -2.05 18.49
CA ALA B 351 -9.32 -1.80 18.99
C ALA B 351 -10.37 -2.61 18.24
N SER B 352 -10.26 -2.65 16.91
CA SER B 352 -11.20 -3.42 16.09
C SER B 352 -11.16 -4.93 16.39
N VAL B 353 -9.95 -5.49 16.54
CA VAL B 353 -9.80 -6.92 16.81
C VAL B 353 -10.32 -7.24 18.21
N GLU B 354 -9.99 -6.38 19.17
CA GLU B 354 -10.46 -6.55 20.55
C GLU B 354 -11.97 -6.42 20.63
N LEU B 355 -12.53 -5.48 19.87
CA LEU B 355 -13.98 -5.32 19.80
C LEU B 355 -14.65 -6.58 19.26
N LEU B 356 -14.06 -7.18 18.23
CA LEU B 356 -14.58 -8.42 17.67
C LEU B 356 -14.45 -9.61 18.64
N LEU B 357 -13.26 -9.78 19.22
CA LEU B 357 -13.00 -10.87 20.17
C LEU B 357 -13.79 -10.76 21.47
N GLY B 358 -14.09 -9.53 21.86
CA GLY B 358 -14.78 -9.26 23.12
C GLY B 358 -16.29 -9.48 23.14
N GLN B 359 -16.86 -9.85 22.00
CA GLN B 359 -18.30 -10.15 21.91
C GLN B 359 -18.46 -11.58 21.43
N ASP B 360 -19.68 -12.10 21.44
CA ASP B 360 -19.93 -13.41 20.87
C ASP B 360 -20.10 -13.26 19.35
N TRP B 361 -18.98 -13.03 18.66
CA TRP B 361 -19.01 -12.77 17.22
C TRP B 361 -19.53 -13.94 16.42
N ARG B 362 -19.31 -15.17 16.89
CA ARG B 362 -19.74 -16.35 16.15
C ARG B 362 -21.27 -16.44 16.07
N THR B 363 -21.93 -16.21 17.19
CA THR B 363 -23.40 -16.13 17.21
C THR B 363 -23.89 -14.96 16.35
N ARG B 364 -23.20 -13.83 16.42
CA ARG B 364 -23.55 -12.68 15.57
C ARG B 364 -23.53 -13.05 14.08
N ILE B 365 -22.47 -13.73 13.64
CA ILE B 365 -22.36 -14.12 12.23
C ILE B 365 -23.39 -15.21 11.84
N THR B 366 -23.62 -16.16 12.74
CA THR B 366 -24.65 -17.19 12.52
C THR B 366 -26.05 -16.57 12.30
N GLU B 367 -26.37 -15.56 13.11
CA GLU B 367 -27.61 -14.79 12.98
C GLU B 367 -27.69 -14.03 11.67
N LEU B 368 -26.59 -13.37 11.28
CA LEU B 368 -26.52 -12.66 10.00
C LEU B 368 -26.71 -13.63 8.82
N ALA B 369 -26.03 -14.77 8.87
CA ALA B 369 -26.13 -15.77 7.82
C ALA B 369 -27.58 -16.26 7.68
N ALA B 370 -28.25 -16.45 8.81
CA ALA B 370 -29.62 -16.97 8.81
C ALA B 370 -30.54 -15.92 8.21
N GLY B 371 -30.30 -14.66 8.57
CA GLY B 371 -31.03 -13.54 8.00
C GLY B 371 -30.87 -13.41 6.49
N LEU B 372 -29.62 -13.53 6.04
CA LEU B 372 -29.31 -13.49 4.61
C LEU B 372 -29.98 -14.65 3.88
N THR B 373 -29.88 -15.85 4.45
CA THR B 373 -30.49 -17.06 3.88
C THR B 373 -32.01 -16.91 3.71
N ALA B 374 -32.68 -16.46 4.78
CA ALA B 374 -34.14 -16.35 4.78
C ALA B 374 -34.58 -15.25 3.83
N GLY B 375 -33.84 -14.15 3.82
CA GLY B 375 -34.19 -13.00 3.00
C GLY B 375 -33.96 -13.21 1.51
N LEU B 376 -32.98 -14.04 1.15
CA LEU B 376 -32.66 -14.27 -0.26
C LEU B 376 -33.39 -15.49 -0.85
N ASP B 377 -34.06 -16.27 -0.02
CA ASP B 377 -34.69 -17.51 -0.48
C ASP B 377 -35.62 -17.31 -1.67
N THR B 378 -36.39 -16.21 -1.66
N THR B 378 -36.38 -16.22 -1.64
CA THR B 378 -37.38 -15.92 -2.72
CA THR B 378 -37.35 -15.91 -2.67
C THR B 378 -36.78 -15.55 -4.07
C THR B 378 -36.72 -15.75 -4.06
N ALA B 379 -35.48 -15.26 -4.09
CA ALA B 379 -34.77 -15.01 -5.35
C ALA B 379 -34.59 -16.31 -6.15
N ARG B 380 -34.55 -17.45 -5.45
CA ARG B 380 -34.31 -18.75 -6.11
C ARG B 380 -35.33 -19.02 -7.21
N ALA B 381 -36.57 -18.53 -7.03
CA ALA B 381 -37.63 -18.75 -8.01
C ALA B 381 -37.69 -17.69 -9.14
N LEU B 382 -36.81 -16.68 -9.09
CA LEU B 382 -36.82 -15.62 -10.11
C LEU B 382 -36.25 -16.14 -11.43
N PRO B 383 -36.81 -15.66 -12.57
CA PRO B 383 -36.40 -16.24 -13.85
C PRO B 383 -34.95 -15.95 -14.29
N ALA B 384 -34.32 -14.92 -13.73
CA ALA B 384 -32.95 -14.56 -14.16
C ALA B 384 -31.88 -15.04 -13.18
N VAL B 385 -32.30 -15.77 -12.15
CA VAL B 385 -31.43 -16.20 -11.05
C VAL B 385 -31.02 -17.66 -11.21
N THR B 386 -29.71 -17.90 -11.24
CA THR B 386 -29.21 -19.27 -11.45
C THR B 386 -28.72 -19.90 -10.14
N ASP B 387 -28.40 -19.09 -9.14
CA ASP B 387 -28.01 -19.59 -7.83
C ASP B 387 -28.21 -18.53 -6.74
N VAL B 388 -28.47 -18.99 -5.52
CA VAL B 388 -28.45 -18.16 -4.31
C VAL B 388 -27.59 -18.90 -3.30
N ARG B 389 -26.58 -18.23 -2.75
CA ARG B 389 -25.68 -18.90 -1.81
C ARG B 389 -25.26 -17.96 -0.71
N VAL B 390 -25.09 -18.51 0.49
CA VAL B 390 -24.72 -17.73 1.66
C VAL B 390 -23.59 -18.45 2.39
N CYS B 391 -22.58 -17.70 2.82
CA CYS B 391 -21.50 -18.24 3.60
C CYS B 391 -21.14 -17.23 4.67
N GLY B 392 -21.55 -17.53 5.91
CA GLY B 392 -21.37 -16.58 7.02
C GLY B 392 -22.06 -15.29 6.64
N ALA B 393 -21.38 -14.14 6.83
CA ALA B 393 -22.00 -12.85 6.49
C ALA B 393 -21.70 -12.41 5.05
N ILE B 394 -21.86 -13.35 4.12
CA ILE B 394 -21.74 -13.08 2.69
C ILE B 394 -23.01 -13.63 2.02
N GLY B 395 -23.74 -12.80 1.28
CA GLY B 395 -24.93 -13.25 0.54
C GLY B 395 -24.83 -12.98 -0.95
N VAL B 396 -25.12 -13.99 -1.77
CA VAL B 396 -24.92 -13.88 -3.23
C VAL B 396 -26.16 -14.31 -4.03
N ILE B 397 -26.62 -13.46 -4.94
CA ILE B 397 -27.53 -13.90 -5.98
C ILE B 397 -26.75 -13.90 -7.28
N GLU B 398 -26.59 -15.09 -7.86
CA GLU B 398 -25.97 -15.23 -9.15
C GLU B 398 -27.04 -15.23 -10.23
N CYS B 399 -26.86 -14.34 -11.21
CA CYS B 399 -27.85 -14.14 -12.28
C CYS B 399 -27.37 -14.75 -13.59
N ASP B 400 -28.30 -14.85 -14.55
CA ASP B 400 -28.05 -15.53 -15.82
C ASP B 400 -27.44 -14.59 -16.85
N ARG B 401 -27.20 -13.34 -16.45
CA ARG B 401 -26.62 -12.34 -17.33
C ARG B 401 -25.86 -11.29 -16.53
N PRO B 402 -24.92 -10.57 -17.17
CA PRO B 402 -24.27 -9.50 -16.42
C PRO B 402 -25.30 -8.48 -15.92
N VAL B 403 -25.12 -7.98 -14.71
CA VAL B 403 -26.06 -7.03 -14.11
C VAL B 403 -25.69 -5.60 -14.50
N ASP B 404 -26.65 -4.88 -15.07
CA ASP B 404 -26.46 -3.50 -15.51
C ASP B 404 -26.53 -2.50 -14.33
N LEU B 405 -25.41 -1.85 -14.02
CA LEU B 405 -25.34 -0.89 -12.89
C LEU B 405 -26.27 0.31 -13.02
N ALA B 406 -26.56 0.70 -14.25
CA ALA B 406 -27.47 1.82 -14.49
C ALA B 406 -28.91 1.49 -14.05
N VAL B 407 -29.24 0.21 -14.02
CA VAL B 407 -30.53 -0.28 -13.52
C VAL B 407 -30.43 -0.62 -12.02
N ALA B 408 -29.42 -1.40 -11.65
CA ALA B 408 -29.26 -1.85 -10.26
C ALA B 408 -29.00 -0.72 -9.26
N THR B 409 -28.17 0.26 -9.62
CA THR B 409 -27.81 1.34 -8.69
C THR B 409 -29.04 2.17 -8.24
N PRO B 410 -29.81 2.72 -9.20
CA PRO B 410 -31.01 3.43 -8.75
C PRO B 410 -31.99 2.53 -8.00
N ALA B 411 -32.18 1.30 -8.47
CA ALA B 411 -33.15 0.39 -7.86
C ALA B 411 -32.80 0.11 -6.42
N ALA B 412 -31.52 -0.14 -6.14
CA ALA B 412 -31.09 -0.36 -4.78
C ALA B 412 -31.26 0.92 -3.92
N LEU B 413 -30.83 2.07 -4.47
CA LEU B 413 -30.97 3.37 -3.78
C LEU B 413 -32.42 3.72 -3.47
N ASP B 414 -33.34 3.35 -4.36
CA ASP B 414 -34.78 3.57 -4.18
C ASP B 414 -35.29 2.81 -2.97
N ARG B 415 -34.54 1.79 -2.56
CA ARG B 415 -34.91 0.90 -1.47
C ARG B 415 -34.04 1.09 -0.22
N GLY B 416 -33.28 2.18 -0.22
CA GLY B 416 -32.51 2.62 0.95
C GLY B 416 -31.23 1.83 1.17
N VAL B 417 -30.66 1.28 0.09
CA VAL B 417 -29.49 0.37 0.21
C VAL B 417 -28.42 0.70 -0.83
N TRP B 418 -27.16 0.86 -0.40
CA TRP B 418 -26.03 0.93 -1.34
C TRP B 418 -25.57 -0.46 -1.69
N LEU B 419 -25.80 -0.84 -2.93
CA LEU B 419 -25.40 -2.15 -3.48
C LEU B 419 -24.61 -1.86 -4.72
N ARG B 420 -23.56 -2.64 -4.92
CA ARG B 420 -22.70 -2.51 -6.08
C ARG B 420 -22.48 -3.88 -6.71
N PRO B 421 -23.33 -4.24 -7.70
CA PRO B 421 -23.12 -5.52 -8.37
C PRO B 421 -21.83 -5.51 -9.20
N PHE B 422 -21.35 -6.70 -9.54
CA PHE B 422 -20.31 -6.81 -10.55
C PHE B 422 -20.49 -8.12 -11.28
N ARG B 423 -19.97 -8.20 -12.50
CA ARG B 423 -20.23 -9.35 -13.36
C ARG B 423 -21.73 -9.65 -13.33
N ASN B 424 -22.11 -10.90 -13.09
CA ASN B 424 -23.51 -11.34 -13.05
C ASN B 424 -24.00 -11.57 -11.61
N LEU B 425 -23.42 -10.82 -10.65
CA LEU B 425 -23.62 -11.09 -9.22
C LEU B 425 -24.20 -9.90 -8.48
N VAL B 426 -25.22 -10.14 -7.67
CA VAL B 426 -25.74 -9.13 -6.73
C VAL B 426 -25.41 -9.69 -5.36
N TYR B 427 -24.64 -8.96 -4.58
CA TYR B 427 -24.10 -9.57 -3.38
C TYR B 427 -24.02 -8.56 -2.22
N ALA B 428 -23.97 -9.08 -1.00
CA ALA B 428 -23.80 -8.21 0.16
C ALA B 428 -22.82 -8.83 1.13
N MET B 429 -22.06 -7.99 1.81
N MET B 429 -22.09 -7.95 1.81
CA MET B 429 -21.28 -8.43 2.94
CA MET B 429 -21.18 -8.31 2.89
C MET B 429 -21.42 -7.36 4.01
C MET B 429 -21.43 -7.29 4.00
N PRO B 430 -22.55 -7.42 4.74
CA PRO B 430 -23.00 -6.35 5.66
C PRO B 430 -22.15 -6.18 6.92
N PRO B 431 -22.14 -4.96 7.50
CA PRO B 431 -21.49 -4.81 8.79
C PRO B 431 -22.10 -5.78 9.82
N TYR B 432 -21.30 -6.25 10.78
CA TYR B 432 -21.77 -7.24 11.75
C TYR B 432 -22.79 -6.65 12.73
N ILE B 433 -22.84 -5.33 12.78
CA ILE B 433 -23.75 -4.60 13.64
C ILE B 433 -25.16 -4.46 13.07
N CYS B 434 -25.40 -5.02 11.88
CA CYS B 434 -26.71 -4.86 11.24
C CYS B 434 -27.75 -5.63 12.05
N THR B 435 -28.85 -4.96 12.37
CA THR B 435 -29.96 -5.63 13.04
C THR B 435 -30.71 -6.51 12.05
N PRO B 436 -31.56 -7.44 12.56
CA PRO B 436 -32.43 -8.24 11.72
C PRO B 436 -33.23 -7.43 10.72
N ALA B 437 -33.84 -6.33 11.16
CA ALA B 437 -34.61 -5.46 10.24
C ALA B 437 -33.76 -4.92 9.08
N GLU B 438 -32.52 -4.57 9.39
CA GLU B 438 -31.57 -4.03 8.42
C GLU B 438 -31.14 -5.08 7.40
N ILE B 439 -30.93 -6.30 7.87
CA ILE B 439 -30.60 -7.41 6.96
C ILE B 439 -31.76 -7.66 5.99
N THR B 440 -32.97 -7.77 6.53
N THR B 440 -32.99 -7.75 6.50
CA THR B 440 -34.20 -7.84 5.75
CA THR B 440 -34.15 -7.92 5.62
C THR B 440 -34.25 -6.81 4.63
C THR B 440 -34.32 -6.78 4.60
N GLN B 441 -34.00 -5.55 4.99
CA GLN B 441 -34.03 -4.41 4.04
C GLN B 441 -32.98 -4.62 2.96
N ILE B 442 -31.81 -5.09 3.36
CA ILE B 442 -30.74 -5.40 2.40
C ILE B 442 -31.16 -6.53 1.46
N THR B 443 -31.62 -7.66 2.00
CA THR B 443 -32.01 -8.79 1.14
C THR B 443 -33.17 -8.43 0.18
N SER B 444 -34.10 -7.60 0.65
CA SER B 444 -35.22 -7.13 -0.18
CA SER B 444 -35.22 -7.12 -0.17
C SER B 444 -34.75 -6.34 -1.39
N ALA B 445 -33.86 -5.38 -1.17
CA ALA B 445 -33.25 -4.59 -2.26
C ALA B 445 -32.54 -5.50 -3.28
N MET B 446 -31.79 -6.48 -2.79
CA MET B 446 -31.09 -7.46 -3.64
C MET B 446 -32.07 -8.27 -4.48
N VAL B 447 -33.13 -8.76 -3.83
CA VAL B 447 -34.16 -9.52 -4.54
C VAL B 447 -34.79 -8.67 -5.64
N GLU B 448 -35.08 -7.40 -5.35
CA GLU B 448 -35.73 -6.56 -6.33
C GLU B 448 -34.78 -6.18 -7.46
N VAL B 449 -33.49 -6.03 -7.14
CA VAL B 449 -32.45 -5.88 -8.16
C VAL B 449 -32.45 -7.11 -9.09
N ALA B 450 -32.46 -8.32 -8.53
CA ALA B 450 -32.49 -9.54 -9.34
C ALA B 450 -33.77 -9.65 -10.19
N ARG B 451 -34.88 -9.18 -9.63
CA ARG B 451 -36.17 -9.15 -10.37
C ARG B 451 -36.10 -8.23 -11.58
N LEU B 452 -35.49 -7.05 -11.41
CA LEU B 452 -35.34 -6.10 -12.53
C LEU B 452 -34.39 -6.60 -13.63
N VAL B 453 -33.31 -7.28 -13.24
CA VAL B 453 -32.42 -7.92 -14.21
C VAL B 453 -33.19 -8.78 -15.18
N GLY B 454 -34.12 -9.55 -14.63
CA GLY B 454 -34.95 -10.46 -15.42
C GLY B 454 -36.09 -9.76 -16.13
#